data_2MVY
# 
_entry.id   2MVY 
# 
_audit_conform.dict_name       mmcif_pdbx.dic 
_audit_conform.dict_version    5.392 
_audit_conform.dict_location   http://mmcif.pdb.org/dictionaries/ascii/mmcif_pdbx.dic 
# 
loop_
_database_2.database_code 
_database_2.database_id 
_database_2.pdbx_database_accession 
_database_2.pdbx_DOI 
RCSB104111   RCSB  ?            ?                   
2MVY         PDB   pdb_00002mvy 10.2210/pdb2mvy/pdb 
25291        BMRB  ?            10.13018/BMR25291   
D_1000104111 WWPDB ?            ?                   
# 
loop_
_pdbx_audit_revision_history.ordinal 
_pdbx_audit_revision_history.data_content_type 
_pdbx_audit_revision_history.major_revision 
_pdbx_audit_revision_history.minor_revision 
_pdbx_audit_revision_history.revision_date 
1 'Structure model' 1 0 2015-09-30 
2 'Structure model' 1 1 2023-06-14 
3 'Structure model' 1 2 2024-05-15 
# 
_pdbx_audit_revision_details.ordinal             1 
_pdbx_audit_revision_details.revision_ordinal    1 
_pdbx_audit_revision_details.data_content_type   'Structure model' 
_pdbx_audit_revision_details.provider            repository 
_pdbx_audit_revision_details.type                'Initial release' 
_pdbx_audit_revision_details.description         ? 
_pdbx_audit_revision_details.details             ? 
# 
loop_
_pdbx_audit_revision_group.ordinal 
_pdbx_audit_revision_group.revision_ordinal 
_pdbx_audit_revision_group.data_content_type 
_pdbx_audit_revision_group.group 
1 2 'Structure model' 'Data collection'     
2 2 'Structure model' 'Database references' 
3 2 'Structure model' Other                 
4 3 'Structure model' 'Data collection'     
5 3 'Structure model' 'Database references' 
# 
loop_
_pdbx_audit_revision_category.ordinal 
_pdbx_audit_revision_category.revision_ordinal 
_pdbx_audit_revision_category.data_content_type 
_pdbx_audit_revision_category.category 
1 2 'Structure model' database_2           
2 2 'Structure model' pdbx_database_status 
3 2 'Structure model' pdbx_nmr_software    
4 3 'Structure model' chem_comp_atom       
5 3 'Structure model' chem_comp_bond       
6 3 'Structure model' database_2           
# 
loop_
_pdbx_audit_revision_item.ordinal 
_pdbx_audit_revision_item.revision_ordinal 
_pdbx_audit_revision_item.data_content_type 
_pdbx_audit_revision_item.item 
1 2 'Structure model' '_database_2.pdbx_DOI'                       
2 2 'Structure model' '_database_2.pdbx_database_accession'        
3 2 'Structure model' '_pdbx_database_status.status_code_nmr_data' 
4 2 'Structure model' '_pdbx_nmr_software.name'                    
5 3 'Structure model' '_database_2.pdbx_DOI'                       
# 
_pdbx_database_status.deposit_site                    BMRB 
_pdbx_database_status.entry_id                        2MVY 
_pdbx_database_status.process_site                    RCSB 
_pdbx_database_status.recvd_initial_deposition_date   2014-10-20 
_pdbx_database_status.SG_entry                        ? 
_pdbx_database_status.status_code                     REL 
_pdbx_database_status.status_code_mr                  REL 
_pdbx_database_status.status_code_sf                  ? 
_pdbx_database_status.status_code_cs                  REL 
_pdbx_database_status.methods_development_category    ? 
_pdbx_database_status.pdb_format_compatible           Y 
_pdbx_database_status.status_code_nmr_data            REL 
# 
loop_
_pdbx_database_related.db_id 
_pdbx_database_related.db_name 
_pdbx_database_related.content_type 
_pdbx_database_related.details 
25291 BMRB unspecified . 
4RLO  PDB  unspecified . 
2MVS  PDB  unspecified . 
# 
loop_
_audit_author.name 
_audit_author.pdbx_ordinal 
'Lynch, S.R.' 1 
'Kool, E.T.'  2 
# 
_citation.id                        primary 
_citation.title                     'Structure and thermodynamics of N6-methyladenosine in RNA: a spring-loaded base modification.' 
_citation.journal_abbrev            J.Am.Chem.Soc. 
_citation.journal_volume            137 
_citation.page_first                2107 
_citation.page_last                 2115 
_citation.year                      2015 
_citation.journal_id_ASTM           JACSAT 
_citation.country                   US 
_citation.journal_id_ISSN           0002-7863 
_citation.journal_id_CSD            0004 
_citation.book_publisher            ? 
_citation.pdbx_database_id_PubMed   25611135 
_citation.pdbx_database_id_DOI      10.1021/ja513080v 
# 
loop_
_citation_author.citation_id 
_citation_author.name 
_citation_author.ordinal 
_citation_author.identifier_ORCID 
primary 'Roost, C.'     1 ? 
primary 'Lynch, S.R.'   2 ? 
primary 'Batista, P.J.' 3 ? 
primary 'Qu, K.'        4 ? 
primary 'Chang, H.Y.'   5 ? 
primary 'Kool, E.T.'    6 ? 
# 
_entity.id                         1 
_entity.type                       polymer 
_entity.src_method                 syn 
_entity.pdbx_description           RNA 
_entity.formula_weight             3176.948 
_entity.pdbx_number_of_molecules   2 
_entity.pdbx_ec                    ? 
_entity.pdbx_mutation              ? 
_entity.pdbx_fragment              ? 
_entity.details                    ? 
# 
_entity_poly.entity_id                      1 
_entity_poly.type                           polyribonucleotide 
_entity_poly.nstd_linkage                   no 
_entity_poly.nstd_monomer                   no 
_entity_poly.pdbx_seq_one_letter_code       GGACUAGUCC 
_entity_poly.pdbx_seq_one_letter_code_can   GGACUAGUCC 
_entity_poly.pdbx_strand_id                 1,2 
_entity_poly.pdbx_target_identifier         ? 
# 
loop_
_entity_poly_seq.entity_id 
_entity_poly_seq.num 
_entity_poly_seq.mon_id 
_entity_poly_seq.hetero 
1 1  G n 
1 2  G n 
1 3  A n 
1 4  C n 
1 5  U n 
1 6  A n 
1 7  G n 
1 8  U n 
1 9  C n 
1 10 C n 
# 
_pdbx_entity_src_syn.entity_id              1 
_pdbx_entity_src_syn.pdbx_src_id            1 
_pdbx_entity_src_syn.pdbx_alt_source_flag   sample 
_pdbx_entity_src_syn.pdbx_beg_seq_num       ? 
_pdbx_entity_src_syn.pdbx_end_seq_num       ? 
_pdbx_entity_src_syn.organism_scientific    ? 
_pdbx_entity_src_syn.organism_common_name   ? 
_pdbx_entity_src_syn.ncbi_taxonomy_id       32630 
_pdbx_entity_src_syn.details                ? 
# 
loop_
_chem_comp.id 
_chem_comp.type 
_chem_comp.mon_nstd_flag 
_chem_comp.name 
_chem_comp.pdbx_synonyms 
_chem_comp.formula 
_chem_comp.formula_weight 
A 'RNA linking' y "ADENOSINE-5'-MONOPHOSPHATE" ? 'C10 H14 N5 O7 P' 347.221 
C 'RNA linking' y "CYTIDINE-5'-MONOPHOSPHATE"  ? 'C9 H14 N3 O8 P'  323.197 
G 'RNA linking' y "GUANOSINE-5'-MONOPHOSPHATE" ? 'C10 H14 N5 O8 P' 363.221 
U 'RNA linking' y "URIDINE-5'-MONOPHOSPHATE"   ? 'C9 H13 N2 O9 P'  324.181 
# 
loop_
_pdbx_poly_seq_scheme.asym_id 
_pdbx_poly_seq_scheme.entity_id 
_pdbx_poly_seq_scheme.seq_id 
_pdbx_poly_seq_scheme.mon_id 
_pdbx_poly_seq_scheme.ndb_seq_num 
_pdbx_poly_seq_scheme.pdb_seq_num 
_pdbx_poly_seq_scheme.auth_seq_num 
_pdbx_poly_seq_scheme.pdb_mon_id 
_pdbx_poly_seq_scheme.auth_mon_id 
_pdbx_poly_seq_scheme.pdb_strand_id 
_pdbx_poly_seq_scheme.pdb_ins_code 
_pdbx_poly_seq_scheme.hetero 
A 1 1  G 1  1  1  G G 1 . n 
A 1 2  G 2  2  2  G G 1 . n 
A 1 3  A 3  3  3  A A 1 . n 
A 1 4  C 4  4  4  C C 1 . n 
A 1 5  U 5  5  5  U U 1 . n 
A 1 6  A 6  6  6  A A 1 . n 
A 1 7  G 7  7  7  G G 1 . n 
A 1 8  U 8  8  8  U U 1 . n 
A 1 9  C 9  9  9  C C 1 . n 
A 1 10 C 10 10 10 C C 1 . n 
B 1 1  G 1  11 11 G G 2 . n 
B 1 2  G 2  12 12 G G 2 . n 
B 1 3  A 3  13 13 A A 2 . n 
B 1 4  C 4  14 14 C C 2 . n 
B 1 5  U 5  15 15 U U 2 . n 
B 1 6  A 6  16 16 A A 2 . n 
B 1 7  G 7  17 17 G G 2 . n 
B 1 8  U 8  18 18 U U 2 . n 
B 1 9  C 9  19 19 C C 2 . n 
B 1 10 C 10 20 20 C C 2 . n 
# 
_exptl.absorpt_coefficient_mu     ? 
_exptl.absorpt_correction_T_max   ? 
_exptl.absorpt_correction_T_min   ? 
_exptl.absorpt_correction_type    ? 
_exptl.absorpt_process_details    ? 
_exptl.crystals_number            ? 
_exptl.details                    ? 
_exptl.entry_id                   2MVY 
_exptl.method                     'SOLUTION NMR' 
_exptl.method_details             ? 
# 
_struct.entry_id                  2MVY 
_struct.title                     'Structure and Stability of RNAs Containing N6-Methyl-adenosine' 
_struct.pdbx_model_details        'minimized average structure, model 1' 
_struct.pdbx_CASP_flag            ? 
_struct.pdbx_model_type_details   'minimized average' 
# 
_struct_keywords.entry_id        2MVY 
_struct_keywords.pdbx_keywords   RNA 
_struct_keywords.text            'RNA duplex, RNA' 
# 
loop_
_struct_asym.id 
_struct_asym.pdbx_blank_PDB_chainid_flag 
_struct_asym.pdbx_modified 
_struct_asym.entity_id 
_struct_asym.details 
A N N 1 ? 
B N N 1 ? 
# 
_struct_ref.id                         1 
_struct_ref.db_name                    PDB 
_struct_ref.db_code                    2MVY 
_struct_ref.pdbx_db_accession          2MVY 
_struct_ref.entity_id                  1 
_struct_ref.pdbx_align_begin           ? 
_struct_ref.pdbx_seq_one_letter_code   GGACUAGUCC 
_struct_ref.pdbx_db_isoform            ? 
# 
loop_
_struct_ref_seq.align_id 
_struct_ref_seq.ref_id 
_struct_ref_seq.pdbx_PDB_id_code 
_struct_ref_seq.pdbx_strand_id 
_struct_ref_seq.seq_align_beg 
_struct_ref_seq.pdbx_seq_align_beg_ins_code 
_struct_ref_seq.seq_align_end 
_struct_ref_seq.pdbx_seq_align_end_ins_code 
_struct_ref_seq.pdbx_db_accession 
_struct_ref_seq.db_align_beg 
_struct_ref_seq.pdbx_db_align_beg_ins_code 
_struct_ref_seq.db_align_end 
_struct_ref_seq.pdbx_db_align_end_ins_code 
_struct_ref_seq.pdbx_auth_seq_align_beg 
_struct_ref_seq.pdbx_auth_seq_align_end 
1 1 2MVY 1 1 ? 10 ? 2MVY 1  ? 10 ? 1  10 
2 1 2MVY 2 1 ? 10 ? 2MVY 11 ? 20 ? 11 20 
# 
_pdbx_struct_assembly.id                   1 
_pdbx_struct_assembly.details              author_defined_assembly 
_pdbx_struct_assembly.method_details       ? 
_pdbx_struct_assembly.oligomeric_details   dimeric 
_pdbx_struct_assembly.oligomeric_count     2 
# 
_pdbx_struct_assembly_gen.assembly_id       1 
_pdbx_struct_assembly_gen.oper_expression   1 
_pdbx_struct_assembly_gen.asym_id_list      A,B 
# 
_pdbx_struct_oper_list.id                   1 
_pdbx_struct_oper_list.type                 'identity operation' 
_pdbx_struct_oper_list.name                 1_555 
_pdbx_struct_oper_list.symmetry_operation   x,y,z 
_pdbx_struct_oper_list.matrix[1][1]         1.0000000000 
_pdbx_struct_oper_list.matrix[1][2]         0.0000000000 
_pdbx_struct_oper_list.matrix[1][3]         0.0000000000 
_pdbx_struct_oper_list.vector[1]            0.0000000000 
_pdbx_struct_oper_list.matrix[2][1]         0.0000000000 
_pdbx_struct_oper_list.matrix[2][2]         1.0000000000 
_pdbx_struct_oper_list.matrix[2][3]         0.0000000000 
_pdbx_struct_oper_list.vector[2]            0.0000000000 
_pdbx_struct_oper_list.matrix[3][1]         0.0000000000 
_pdbx_struct_oper_list.matrix[3][2]         0.0000000000 
_pdbx_struct_oper_list.matrix[3][3]         1.0000000000 
_pdbx_struct_oper_list.vector[3]            0.0000000000 
# 
_struct_biol.id        1 
_struct_biol.details   ? 
# 
loop_
_struct_conn.id 
_struct_conn.conn_type_id 
_struct_conn.pdbx_leaving_atom_flag 
_struct_conn.pdbx_PDB_id 
_struct_conn.ptnr1_label_asym_id 
_struct_conn.ptnr1_label_comp_id 
_struct_conn.ptnr1_label_seq_id 
_struct_conn.ptnr1_label_atom_id 
_struct_conn.pdbx_ptnr1_label_alt_id 
_struct_conn.pdbx_ptnr1_PDB_ins_code 
_struct_conn.pdbx_ptnr1_standard_comp_id 
_struct_conn.ptnr1_symmetry 
_struct_conn.ptnr2_label_asym_id 
_struct_conn.ptnr2_label_comp_id 
_struct_conn.ptnr2_label_seq_id 
_struct_conn.ptnr2_label_atom_id 
_struct_conn.pdbx_ptnr2_label_alt_id 
_struct_conn.pdbx_ptnr2_PDB_ins_code 
_struct_conn.ptnr1_auth_asym_id 
_struct_conn.ptnr1_auth_comp_id 
_struct_conn.ptnr1_auth_seq_id 
_struct_conn.ptnr2_auth_asym_id 
_struct_conn.ptnr2_auth_comp_id 
_struct_conn.ptnr2_auth_seq_id 
_struct_conn.ptnr2_symmetry 
_struct_conn.pdbx_ptnr3_label_atom_id 
_struct_conn.pdbx_ptnr3_label_seq_id 
_struct_conn.pdbx_ptnr3_label_comp_id 
_struct_conn.pdbx_ptnr3_label_asym_id 
_struct_conn.pdbx_ptnr3_label_alt_id 
_struct_conn.pdbx_ptnr3_PDB_ins_code 
_struct_conn.details 
_struct_conn.pdbx_dist_value 
_struct_conn.pdbx_value_order 
_struct_conn.pdbx_role 
hydrog1  hydrog ? ? A G 1  N1 ? ? ? 1_555 B C 10 N3 ? ? 1 G 1  2 C 20 1_555 ? ? ? ? ? ? WATSON-CRICK ? ? ? 
hydrog2  hydrog ? ? A G 1  N2 ? ? ? 1_555 B C 10 O2 ? ? 1 G 1  2 C 20 1_555 ? ? ? ? ? ? WATSON-CRICK ? ? ? 
hydrog3  hydrog ? ? A G 1  O6 ? ? ? 1_555 B C 10 N4 ? ? 1 G 1  2 C 20 1_555 ? ? ? ? ? ? WATSON-CRICK ? ? ? 
hydrog4  hydrog ? ? A G 2  N1 ? ? ? 1_555 B C 9  N3 ? ? 1 G 2  2 C 19 1_555 ? ? ? ? ? ? WATSON-CRICK ? ? ? 
hydrog5  hydrog ? ? A G 2  N2 ? ? ? 1_555 B C 9  O2 ? ? 1 G 2  2 C 19 1_555 ? ? ? ? ? ? WATSON-CRICK ? ? ? 
hydrog6  hydrog ? ? A G 2  O6 ? ? ? 1_555 B C 9  N4 ? ? 1 G 2  2 C 19 1_555 ? ? ? ? ? ? WATSON-CRICK ? ? ? 
hydrog7  hydrog ? ? A A 3  N1 ? ? ? 1_555 B U 8  N3 ? ? 1 A 3  2 U 18 1_555 ? ? ? ? ? ? WATSON-CRICK ? ? ? 
hydrog8  hydrog ? ? A A 3  N6 ? ? ? 1_555 B U 8  O4 ? ? 1 A 3  2 U 18 1_555 ? ? ? ? ? ? WATSON-CRICK ? ? ? 
hydrog9  hydrog ? ? A C 4  N3 ? ? ? 1_555 B G 7  N1 ? ? 1 C 4  2 G 17 1_555 ? ? ? ? ? ? WATSON-CRICK ? ? ? 
hydrog10 hydrog ? ? A C 4  N4 ? ? ? 1_555 B G 7  O6 ? ? 1 C 4  2 G 17 1_555 ? ? ? ? ? ? WATSON-CRICK ? ? ? 
hydrog11 hydrog ? ? A C 4  O2 ? ? ? 1_555 B G 7  N2 ? ? 1 C 4  2 G 17 1_555 ? ? ? ? ? ? WATSON-CRICK ? ? ? 
hydrog12 hydrog ? ? A U 5  N3 ? ? ? 1_555 B A 6  N1 ? ? 1 U 5  2 A 16 1_555 ? ? ? ? ? ? WATSON-CRICK ? ? ? 
hydrog13 hydrog ? ? A U 5  O4 ? ? ? 1_555 B A 6  N6 ? ? 1 U 5  2 A 16 1_555 ? ? ? ? ? ? WATSON-CRICK ? ? ? 
hydrog14 hydrog ? ? A A 6  N1 ? ? ? 1_555 B U 5  N3 ? ? 1 A 6  2 U 15 1_555 ? ? ? ? ? ? 'A-U PAIR'   ? ? ? 
hydrog15 hydrog ? ? A G 7  N1 ? ? ? 1_555 B C 4  N3 ? ? 1 G 7  2 C 14 1_555 ? ? ? ? ? ? WATSON-CRICK ? ? ? 
hydrog16 hydrog ? ? A G 7  N2 ? ? ? 1_555 B C 4  O2 ? ? 1 G 7  2 C 14 1_555 ? ? ? ? ? ? WATSON-CRICK ? ? ? 
hydrog17 hydrog ? ? A G 7  O6 ? ? ? 1_555 B C 4  N4 ? ? 1 G 7  2 C 14 1_555 ? ? ? ? ? ? WATSON-CRICK ? ? ? 
hydrog18 hydrog ? ? A U 8  N3 ? ? ? 1_555 B A 3  N1 ? ? 1 U 8  2 A 13 1_555 ? ? ? ? ? ? WATSON-CRICK ? ? ? 
hydrog19 hydrog ? ? A U 8  O4 ? ? ? 1_555 B A 3  N6 ? ? 1 U 8  2 A 13 1_555 ? ? ? ? ? ? WATSON-CRICK ? ? ? 
hydrog20 hydrog ? ? A C 9  N3 ? ? ? 1_555 B G 2  N1 ? ? 1 C 9  2 G 12 1_555 ? ? ? ? ? ? WATSON-CRICK ? ? ? 
hydrog21 hydrog ? ? A C 9  N4 ? ? ? 1_555 B G 2  O6 ? ? 1 C 9  2 G 12 1_555 ? ? ? ? ? ? WATSON-CRICK ? ? ? 
hydrog22 hydrog ? ? A C 9  O2 ? ? ? 1_555 B G 2  N2 ? ? 1 C 9  2 G 12 1_555 ? ? ? ? ? ? WATSON-CRICK ? ? ? 
hydrog23 hydrog ? ? A C 10 N3 ? ? ? 1_555 B G 1  N1 ? ? 1 C 10 2 G 11 1_555 ? ? ? ? ? ? WATSON-CRICK ? ? ? 
hydrog24 hydrog ? ? A C 10 N4 ? ? ? 1_555 B G 1  O6 ? ? 1 C 10 2 G 11 1_555 ? ? ? ? ? ? WATSON-CRICK ? ? ? 
hydrog25 hydrog ? ? A C 10 O2 ? ? ? 1_555 B G 1  N2 ? ? 1 C 10 2 G 11 1_555 ? ? ? ? ? ? WATSON-CRICK ? ? ? 
# 
_struct_conn_type.id          hydrog 
_struct_conn_type.criteria    ? 
_struct_conn_type.reference   ? 
# 
loop_
_pdbx_validate_close_contact.id 
_pdbx_validate_close_contact.PDB_model_num 
_pdbx_validate_close_contact.auth_atom_id_1 
_pdbx_validate_close_contact.auth_asym_id_1 
_pdbx_validate_close_contact.auth_comp_id_1 
_pdbx_validate_close_contact.auth_seq_id_1 
_pdbx_validate_close_contact.PDB_ins_code_1 
_pdbx_validate_close_contact.label_alt_id_1 
_pdbx_validate_close_contact.auth_atom_id_2 
_pdbx_validate_close_contact.auth_asym_id_2 
_pdbx_validate_close_contact.auth_comp_id_2 
_pdbx_validate_close_contact.auth_seq_id_2 
_pdbx_validate_close_contact.PDB_ins_code_2 
_pdbx_validate_close_contact.label_alt_id_2 
_pdbx_validate_close_contact.dist 
1 1 "O2'" 1 U 5 ? ? "H5'" 1 A 6 ? ? 1.44 
2 1 "O2'" 1 A 6 ? ? "H5'" 1 G 7 ? ? 1.57 
3 1 "O2'" 1 G 7 ? ? "H5'" 1 U 8 ? ? 1.59 
# 
_pdbx_nmr_ensemble.average_constraint_violations_per_residue     ? 
_pdbx_nmr_ensemble.average_constraints_per_residue               ? 
_pdbx_nmr_ensemble.average_distance_constraint_violation         ? 
_pdbx_nmr_ensemble.average_torsion_angle_constraint_violation    ? 
_pdbx_nmr_ensemble.conformer_selection_criteria                  'target function' 
_pdbx_nmr_ensemble.conformers_calculated_total_number            30 
_pdbx_nmr_ensemble.conformers_submitted_total_number             1 
_pdbx_nmr_ensemble.distance_constraint_violation_method          ? 
_pdbx_nmr_ensemble.entry_id                                      2MVY 
_pdbx_nmr_ensemble.maximum_distance_constraint_violation         ? 
_pdbx_nmr_ensemble.maximum_lower_distance_constraint_violation   ? 
_pdbx_nmr_ensemble.maximum_torsion_angle_constraint_violation    ? 
_pdbx_nmr_ensemble.maximum_upper_distance_constraint_violation   ? 
_pdbx_nmr_ensemble.torsion_angle_constraint_violation_method     ? 
# 
_pdbx_nmr_representative.conformer_id         1 
_pdbx_nmr_representative.entry_id             2MVY 
_pdbx_nmr_representative.selection_criteria   'minimized average structure' 
# 
loop_
_pdbx_nmr_sample_details.contents 
_pdbx_nmr_sample_details.solution_id 
_pdbx_nmr_sample_details.solvent_system 
'0.2 mM RNA, 100 mM sodium chloride, 0.1 mM EDTA, 10 mM sodium phosphate, 90% H2O/10% D2O' 1 '90% H2O/10% D2O' 
'0.2 mM RNA, 100 mM sodium chloride, 0.1 mM EDTA, 10 mM sodium phosphate, 100% D2O'        2 '100% D2O'        
# 
loop_
_pdbx_nmr_exptl_sample.component 
_pdbx_nmr_exptl_sample.concentration 
_pdbx_nmr_exptl_sample.concentration_range 
_pdbx_nmr_exptl_sample.concentration_units 
_pdbx_nmr_exptl_sample.isotopic_labeling 
_pdbx_nmr_exptl_sample.solution_id 
RNA-1                0.2 ? mM ? 1 
'sodium chloride-2'  100 ? mM ? 1 
EDTA-3               0.1 ? mM ? 1 
'sodium phosphate-4' 10  ? mM ? 1 
RNA-5                0.2 ? mM ? 2 
'sodium chloride-6'  100 ? mM ? 2 
EDTA-7               0.1 ? mM ? 2 
'sodium phosphate-8' 10  ? mM ? 2 
# 
_pdbx_nmr_exptl_sample_conditions.conditions_id       1 
_pdbx_nmr_exptl_sample_conditions.ionic_strength      100 
_pdbx_nmr_exptl_sample_conditions.pH                  6.4 
_pdbx_nmr_exptl_sample_conditions.pressure            1 
_pdbx_nmr_exptl_sample_conditions.pressure_units      atm 
_pdbx_nmr_exptl_sample_conditions.temperature         298 
_pdbx_nmr_exptl_sample_conditions.temperature_units   K 
# 
loop_
_pdbx_nmr_exptl.conditions_id 
_pdbx_nmr_exptl.experiment_id 
_pdbx_nmr_exptl.solution_id 
_pdbx_nmr_exptl.type 
1 1 2 '2D 1H-1H NOESY' 
1 2 2 '2D DQF-COSY'    
1 3 2 '2D 1H-13C HSQC' 
1 4 2 '2D 1H-1H COSY'  
1 5 2 '2D 1H-1H TOCSY' 
1 6 1 '2D 1H-1H NOESY' 
1 7 2 '2D 1H-31P COSY' 
# 
_pdbx_nmr_constraints.disulfide_bond_constraints_total_count        ? 
_pdbx_nmr_constraints.entry_id                                      2MVY 
_pdbx_nmr_constraints.hydrogen_bond_constraints_total_count         40 
_pdbx_nmr_constraints.NA_alpha-angle_constraints_total_count        0 
_pdbx_nmr_constraints.NA_beta-angle_constraints_total_count         18 
_pdbx_nmr_constraints.NA_chi-angle_constraints_total_count          20 
_pdbx_nmr_constraints.NA_delta-angle_constraints_total_count        ? 
_pdbx_nmr_constraints.NA_epsilon-angle_constraints_total_count      18 
_pdbx_nmr_constraints.NA_gamma-angle_constraints_total_count        20 
_pdbx_nmr_constraints.NA_other-angle_constraints_total_count        20 
_pdbx_nmr_constraints.NA_sugar_pucker_constraints_total_count       80 
_pdbx_nmr_constraints.NOE_constraints_total                         342 
_pdbx_nmr_constraints.NOE_interentity_total_count                   ? 
_pdbx_nmr_constraints.NOE_interproton_distance_evaluation           ? 
_pdbx_nmr_constraints.NOE_intraresidue_total_count                  160 
_pdbx_nmr_constraints.NOE_long_range_total_count                    38 
_pdbx_nmr_constraints.NOE_medium_range_total_count                  0 
_pdbx_nmr_constraints.NOE_motional_averaging_correction             ? 
_pdbx_nmr_constraints.NOE_pseudoatom_corrections                    ? 
_pdbx_nmr_constraints.NOE_sequential_total_count                    144 
_pdbx_nmr_constraints.protein_chi_angle_constraints_total_count     ? 
_pdbx_nmr_constraints.protein_other_angle_constraints_total_count   ? 
_pdbx_nmr_constraints.protein_phi_angle_constraints_total_count     ? 
_pdbx_nmr_constraints.protein_psi_angle_constraints_total_count     ? 
# 
_pdbx_nmr_refine.entry_id           2MVY 
_pdbx_nmr_refine.method             'simulated annealing, molecular dynamics' 
_pdbx_nmr_refine.details            ? 
_pdbx_nmr_refine.software_ordinal   1 
# 
loop_
_pdbx_nmr_software.authors 
_pdbx_nmr_software.classification 
_pdbx_nmr_software.name 
_pdbx_nmr_software.version 
_pdbx_nmr_software.ordinal 
Varian  collection                  VNMR         6.1C  1 
Varian  processing                  VNMR         6.1C  2 
Goddard 'chemical shift assignment' Sparky       3.115 3 
Goddard 'data analysis'             Sparky       3.115 4 
Brunger 'structure solution'        'X-PLOR NIH' 2.36  5 
?       refinement                  'X-PLOR NIH' ?     6 
# 
loop_
_chem_comp_atom.comp_id 
_chem_comp_atom.atom_id 
_chem_comp_atom.type_symbol 
_chem_comp_atom.pdbx_aromatic_flag 
_chem_comp_atom.pdbx_stereo_config 
_chem_comp_atom.pdbx_ordinal 
A OP3    O N N 1   
A P      P N N 2   
A OP1    O N N 3   
A OP2    O N N 4   
A "O5'"  O N N 5   
A "C5'"  C N N 6   
A "C4'"  C N R 7   
A "O4'"  O N N 8   
A "C3'"  C N S 9   
A "O3'"  O N N 10  
A "C2'"  C N R 11  
A "O2'"  O N N 12  
A "C1'"  C N R 13  
A N9     N Y N 14  
A C8     C Y N 15  
A N7     N Y N 16  
A C5     C Y N 17  
A C6     C Y N 18  
A N6     N N N 19  
A N1     N Y N 20  
A C2     C Y N 21  
A N3     N Y N 22  
A C4     C Y N 23  
A HOP3   H N N 24  
A HOP2   H N N 25  
A "H5'"  H N N 26  
A "H5''" H N N 27  
A "H4'"  H N N 28  
A "H3'"  H N N 29  
A "HO3'" H N N 30  
A "H2'"  H N N 31  
A "HO2'" H N N 32  
A "H1'"  H N N 33  
A H8     H N N 34  
A H61    H N N 35  
A H62    H N N 36  
A H2     H N N 37  
C OP3    O N N 38  
C P      P N N 39  
C OP1    O N N 40  
C OP2    O N N 41  
C "O5'"  O N N 42  
C "C5'"  C N N 43  
C "C4'"  C N R 44  
C "O4'"  O N N 45  
C "C3'"  C N S 46  
C "O3'"  O N N 47  
C "C2'"  C N R 48  
C "O2'"  O N N 49  
C "C1'"  C N R 50  
C N1     N N N 51  
C C2     C N N 52  
C O2     O N N 53  
C N3     N N N 54  
C C4     C N N 55  
C N4     N N N 56  
C C5     C N N 57  
C C6     C N N 58  
C HOP3   H N N 59  
C HOP2   H N N 60  
C "H5'"  H N N 61  
C "H5''" H N N 62  
C "H4'"  H N N 63  
C "H3'"  H N N 64  
C "HO3'" H N N 65  
C "H2'"  H N N 66  
C "HO2'" H N N 67  
C "H1'"  H N N 68  
C H41    H N N 69  
C H42    H N N 70  
C H5     H N N 71  
C H6     H N N 72  
G OP3    O N N 73  
G P      P N N 74  
G OP1    O N N 75  
G OP2    O N N 76  
G "O5'"  O N N 77  
G "C5'"  C N N 78  
G "C4'"  C N R 79  
G "O4'"  O N N 80  
G "C3'"  C N S 81  
G "O3'"  O N N 82  
G "C2'"  C N R 83  
G "O2'"  O N N 84  
G "C1'"  C N R 85  
G N9     N Y N 86  
G C8     C Y N 87  
G N7     N Y N 88  
G C5     C Y N 89  
G C6     C N N 90  
G O6     O N N 91  
G N1     N N N 92  
G C2     C N N 93  
G N2     N N N 94  
G N3     N N N 95  
G C4     C Y N 96  
G HOP3   H N N 97  
G HOP2   H N N 98  
G "H5'"  H N N 99  
G "H5''" H N N 100 
G "H4'"  H N N 101 
G "H3'"  H N N 102 
G "HO3'" H N N 103 
G "H2'"  H N N 104 
G "HO2'" H N N 105 
G "H1'"  H N N 106 
G H8     H N N 107 
G H1     H N N 108 
G H21    H N N 109 
G H22    H N N 110 
U OP3    O N N 111 
U P      P N N 112 
U OP1    O N N 113 
U OP2    O N N 114 
U "O5'"  O N N 115 
U "C5'"  C N N 116 
U "C4'"  C N R 117 
U "O4'"  O N N 118 
U "C3'"  C N S 119 
U "O3'"  O N N 120 
U "C2'"  C N R 121 
U "O2'"  O N N 122 
U "C1'"  C N R 123 
U N1     N N N 124 
U C2     C N N 125 
U O2     O N N 126 
U N3     N N N 127 
U C4     C N N 128 
U O4     O N N 129 
U C5     C N N 130 
U C6     C N N 131 
U HOP3   H N N 132 
U HOP2   H N N 133 
U "H5'"  H N N 134 
U "H5''" H N N 135 
U "H4'"  H N N 136 
U "H3'"  H N N 137 
U "HO3'" H N N 138 
U "H2'"  H N N 139 
U "HO2'" H N N 140 
U "H1'"  H N N 141 
U H3     H N N 142 
U H5     H N N 143 
U H6     H N N 144 
# 
loop_
_chem_comp_bond.comp_id 
_chem_comp_bond.atom_id_1 
_chem_comp_bond.atom_id_2 
_chem_comp_bond.value_order 
_chem_comp_bond.pdbx_aromatic_flag 
_chem_comp_bond.pdbx_stereo_config 
_chem_comp_bond.pdbx_ordinal 
A OP3   P      sing N N 1   
A OP3   HOP3   sing N N 2   
A P     OP1    doub N N 3   
A P     OP2    sing N N 4   
A P     "O5'"  sing N N 5   
A OP2   HOP2   sing N N 6   
A "O5'" "C5'"  sing N N 7   
A "C5'" "C4'"  sing N N 8   
A "C5'" "H5'"  sing N N 9   
A "C5'" "H5''" sing N N 10  
A "C4'" "O4'"  sing N N 11  
A "C4'" "C3'"  sing N N 12  
A "C4'" "H4'"  sing N N 13  
A "O4'" "C1'"  sing N N 14  
A "C3'" "O3'"  sing N N 15  
A "C3'" "C2'"  sing N N 16  
A "C3'" "H3'"  sing N N 17  
A "O3'" "HO3'" sing N N 18  
A "C2'" "O2'"  sing N N 19  
A "C2'" "C1'"  sing N N 20  
A "C2'" "H2'"  sing N N 21  
A "O2'" "HO2'" sing N N 22  
A "C1'" N9     sing N N 23  
A "C1'" "H1'"  sing N N 24  
A N9    C8     sing Y N 25  
A N9    C4     sing Y N 26  
A C8    N7     doub Y N 27  
A C8    H8     sing N N 28  
A N7    C5     sing Y N 29  
A C5    C6     sing Y N 30  
A C5    C4     doub Y N 31  
A C6    N6     sing N N 32  
A C6    N1     doub Y N 33  
A N6    H61    sing N N 34  
A N6    H62    sing N N 35  
A N1    C2     sing Y N 36  
A C2    N3     doub Y N 37  
A C2    H2     sing N N 38  
A N3    C4     sing Y N 39  
C OP3   P      sing N N 40  
C OP3   HOP3   sing N N 41  
C P     OP1    doub N N 42  
C P     OP2    sing N N 43  
C P     "O5'"  sing N N 44  
C OP2   HOP2   sing N N 45  
C "O5'" "C5'"  sing N N 46  
C "C5'" "C4'"  sing N N 47  
C "C5'" "H5'"  sing N N 48  
C "C5'" "H5''" sing N N 49  
C "C4'" "O4'"  sing N N 50  
C "C4'" "C3'"  sing N N 51  
C "C4'" "H4'"  sing N N 52  
C "O4'" "C1'"  sing N N 53  
C "C3'" "O3'"  sing N N 54  
C "C3'" "C2'"  sing N N 55  
C "C3'" "H3'"  sing N N 56  
C "O3'" "HO3'" sing N N 57  
C "C2'" "O2'"  sing N N 58  
C "C2'" "C1'"  sing N N 59  
C "C2'" "H2'"  sing N N 60  
C "O2'" "HO2'" sing N N 61  
C "C1'" N1     sing N N 62  
C "C1'" "H1'"  sing N N 63  
C N1    C2     sing N N 64  
C N1    C6     sing N N 65  
C C2    O2     doub N N 66  
C C2    N3     sing N N 67  
C N3    C4     doub N N 68  
C C4    N4     sing N N 69  
C C4    C5     sing N N 70  
C N4    H41    sing N N 71  
C N4    H42    sing N N 72  
C C5    C6     doub N N 73  
C C5    H5     sing N N 74  
C C6    H6     sing N N 75  
G OP3   P      sing N N 76  
G OP3   HOP3   sing N N 77  
G P     OP1    doub N N 78  
G P     OP2    sing N N 79  
G P     "O5'"  sing N N 80  
G OP2   HOP2   sing N N 81  
G "O5'" "C5'"  sing N N 82  
G "C5'" "C4'"  sing N N 83  
G "C5'" "H5'"  sing N N 84  
G "C5'" "H5''" sing N N 85  
G "C4'" "O4'"  sing N N 86  
G "C4'" "C3'"  sing N N 87  
G "C4'" "H4'"  sing N N 88  
G "O4'" "C1'"  sing N N 89  
G "C3'" "O3'"  sing N N 90  
G "C3'" "C2'"  sing N N 91  
G "C3'" "H3'"  sing N N 92  
G "O3'" "HO3'" sing N N 93  
G "C2'" "O2'"  sing N N 94  
G "C2'" "C1'"  sing N N 95  
G "C2'" "H2'"  sing N N 96  
G "O2'" "HO2'" sing N N 97  
G "C1'" N9     sing N N 98  
G "C1'" "H1'"  sing N N 99  
G N9    C8     sing Y N 100 
G N9    C4     sing Y N 101 
G C8    N7     doub Y N 102 
G C8    H8     sing N N 103 
G N7    C5     sing Y N 104 
G C5    C6     sing N N 105 
G C5    C4     doub Y N 106 
G C6    O6     doub N N 107 
G C6    N1     sing N N 108 
G N1    C2     sing N N 109 
G N1    H1     sing N N 110 
G C2    N2     sing N N 111 
G C2    N3     doub N N 112 
G N2    H21    sing N N 113 
G N2    H22    sing N N 114 
G N3    C4     sing N N 115 
U OP3   P      sing N N 116 
U OP3   HOP3   sing N N 117 
U P     OP1    doub N N 118 
U P     OP2    sing N N 119 
U P     "O5'"  sing N N 120 
U OP2   HOP2   sing N N 121 
U "O5'" "C5'"  sing N N 122 
U "C5'" "C4'"  sing N N 123 
U "C5'" "H5'"  sing N N 124 
U "C5'" "H5''" sing N N 125 
U "C4'" "O4'"  sing N N 126 
U "C4'" "C3'"  sing N N 127 
U "C4'" "H4'"  sing N N 128 
U "O4'" "C1'"  sing N N 129 
U "C3'" "O3'"  sing N N 130 
U "C3'" "C2'"  sing N N 131 
U "C3'" "H3'"  sing N N 132 
U "O3'" "HO3'" sing N N 133 
U "C2'" "O2'"  sing N N 134 
U "C2'" "C1'"  sing N N 135 
U "C2'" "H2'"  sing N N 136 
U "O2'" "HO2'" sing N N 137 
U "C1'" N1     sing N N 138 
U "C1'" "H1'"  sing N N 139 
U N1    C2     sing N N 140 
U N1    C6     sing N N 141 
U C2    O2     doub N N 142 
U C2    N3     sing N N 143 
U N3    C4     sing N N 144 
U N3    H3     sing N N 145 
U C4    O4     doub N N 146 
U C4    C5     sing N N 147 
U C5    C6     doub N N 148 
U C5    H5     sing N N 149 
U C6    H6     sing N N 150 
# 
loop_
_ndb_struct_conf_na.entry_id 
_ndb_struct_conf_na.feature 
2MVY 'double helix'        
2MVY 'a-form double helix' 
# 
loop_
_ndb_struct_na_base_pair.model_number 
_ndb_struct_na_base_pair.i_label_asym_id 
_ndb_struct_na_base_pair.i_label_comp_id 
_ndb_struct_na_base_pair.i_label_seq_id 
_ndb_struct_na_base_pair.i_symmetry 
_ndb_struct_na_base_pair.j_label_asym_id 
_ndb_struct_na_base_pair.j_label_comp_id 
_ndb_struct_na_base_pair.j_label_seq_id 
_ndb_struct_na_base_pair.j_symmetry 
_ndb_struct_na_base_pair.shear 
_ndb_struct_na_base_pair.stretch 
_ndb_struct_na_base_pair.stagger 
_ndb_struct_na_base_pair.buckle 
_ndb_struct_na_base_pair.propeller 
_ndb_struct_na_base_pair.opening 
_ndb_struct_na_base_pair.pair_number 
_ndb_struct_na_base_pair.pair_name 
_ndb_struct_na_base_pair.i_auth_asym_id 
_ndb_struct_na_base_pair.i_auth_seq_id 
_ndb_struct_na_base_pair.i_PDB_ins_code 
_ndb_struct_na_base_pair.j_auth_asym_id 
_ndb_struct_na_base_pair.j_auth_seq_id 
_ndb_struct_na_base_pair.j_PDB_ins_code 
_ndb_struct_na_base_pair.hbond_type_28 
_ndb_struct_na_base_pair.hbond_type_12 
1 A G 1  1_555 B C 10 1_555 -0.655 -0.301 -0.253 -14.594 -10.889 -0.008 1  1_G1:C20_2  1 1  ? 2 20 ? 19 1 
1 A G 2  1_555 B C 9  1_555 -0.510 -0.303 -0.654 -7.027  -15.301 3.490  2  1_G2:C19_2  1 2  ? 2 19 ? 19 1 
1 A A 3  1_555 B U 8  1_555 -0.212 -0.049 -0.619 -0.194  -20.132 8.270  3  1_A3:U18_2  1 3  ? 2 18 ? 20 1 
1 A C 4  1_555 B G 7  1_555 0.701  -0.242 -0.977 15.836  -22.412 8.612  4  1_C4:G17_2  1 4  ? 2 17 ? 19 1 
1 A U 5  1_555 B A 6  1_555 0.305  -0.120 -0.322 5.357   -0.949  -4.115 5  1_U5:A16_2  1 5  ? 2 16 ? 20 1 
1 A A 6  1_555 B U 5  1_555 -0.146 0.575  0.279  7.299   -4.901  8.437  6  1_A6:U15_2  1 6  ? 2 15 ? ?  ? 
1 A G 7  1_555 B C 4  1_555 -0.572 -0.163 -0.879 -4.647  -29.798 10.438 7  1_G7:C14_2  1 7  ? 2 14 ? 19 1 
1 A U 8  1_555 B A 3  1_555 -0.010 0.052  -0.901 4.939   -19.847 7.093  8  1_U8:A13_2  1 8  ? 2 13 ? 20 1 
1 A C 9  1_555 B G 2  1_555 0.341  -0.237 -0.700 8.150   -15.444 2.319  9  1_C9:G12_2  1 9  ? 2 12 ? 19 1 
1 A C 10 1_555 B G 1  1_555 0.616  -0.223 -0.353 17.405  -8.770  -1.183 10 1_C10:G11_2 1 10 ? 2 11 ? 19 1 
# 
loop_
_ndb_struct_na_base_pair_step.model_number 
_ndb_struct_na_base_pair_step.i_label_asym_id_1 
_ndb_struct_na_base_pair_step.i_label_comp_id_1 
_ndb_struct_na_base_pair_step.i_label_seq_id_1 
_ndb_struct_na_base_pair_step.i_symmetry_1 
_ndb_struct_na_base_pair_step.j_label_asym_id_1 
_ndb_struct_na_base_pair_step.j_label_comp_id_1 
_ndb_struct_na_base_pair_step.j_label_seq_id_1 
_ndb_struct_na_base_pair_step.j_symmetry_1 
_ndb_struct_na_base_pair_step.i_label_asym_id_2 
_ndb_struct_na_base_pair_step.i_label_comp_id_2 
_ndb_struct_na_base_pair_step.i_label_seq_id_2 
_ndb_struct_na_base_pair_step.i_symmetry_2 
_ndb_struct_na_base_pair_step.j_label_asym_id_2 
_ndb_struct_na_base_pair_step.j_label_comp_id_2 
_ndb_struct_na_base_pair_step.j_label_seq_id_2 
_ndb_struct_na_base_pair_step.j_symmetry_2 
_ndb_struct_na_base_pair_step.shift 
_ndb_struct_na_base_pair_step.slide 
_ndb_struct_na_base_pair_step.rise 
_ndb_struct_na_base_pair_step.tilt 
_ndb_struct_na_base_pair_step.roll 
_ndb_struct_na_base_pair_step.twist 
_ndb_struct_na_base_pair_step.x_displacement 
_ndb_struct_na_base_pair_step.y_displacement 
_ndb_struct_na_base_pair_step.helical_rise 
_ndb_struct_na_base_pair_step.inclination 
_ndb_struct_na_base_pair_step.tip 
_ndb_struct_na_base_pair_step.helical_twist 
_ndb_struct_na_base_pair_step.step_number 
_ndb_struct_na_base_pair_step.step_name 
_ndb_struct_na_base_pair_step.i_auth_asym_id_1 
_ndb_struct_na_base_pair_step.i_auth_seq_id_1 
_ndb_struct_na_base_pair_step.i_PDB_ins_code_1 
_ndb_struct_na_base_pair_step.j_auth_asym_id_1 
_ndb_struct_na_base_pair_step.j_auth_seq_id_1 
_ndb_struct_na_base_pair_step.j_PDB_ins_code_1 
_ndb_struct_na_base_pair_step.i_auth_asym_id_2 
_ndb_struct_na_base_pair_step.i_auth_seq_id_2 
_ndb_struct_na_base_pair_step.i_PDB_ins_code_2 
_ndb_struct_na_base_pair_step.j_auth_asym_id_2 
_ndb_struct_na_base_pair_step.j_auth_seq_id_2 
_ndb_struct_na_base_pair_step.j_PDB_ins_code_2 
1 A G 1 1_555 B C 10 1_555 A G 2  1_555 B C 9 1_555 -0.074 -0.506 2.976 -0.172 9.044  33.568 -2.082 0.101  2.752 15.316 0.292  
34.731 1 11_G1G2:C19C20_22  1 1 ? 2 20 ? 1 2  ? 2 19 ? 
1 A G 2 1_555 B C 9  1_555 A A 3  1_555 B U 8 1_555 0.278  -0.178 3.005 -1.008 10.347 34.388 -1.639 -0.583 2.827 17.025 1.659  
35.880 2 11_G2A3:U18C19_22  1 2 ? 2 19 ? 1 3  ? 2 18 ? 
1 A A 3 1_555 B U 8  1_555 A C 4  1_555 B G 7 1_555 0.009  -0.337 2.668 2.260  2.010  38.334 -0.715 0.214  2.644 3.054  -3.434 
38.449 3 11_A3C4:G17U18_22  1 3 ? 2 18 ? 1 4  ? 2 17 ? 
1 A C 4 1_555 B G 7  1_555 A U 5  1_555 B A 6 1_555 -0.585 -1.027 3.662 -4.353 8.512  33.915 -3.086 0.258  3.361 14.244 7.284  
35.198 4 11_C4U5:A16G17_22  1 4 ? 2 17 ? 1 5  ? 2 16 ? 
1 A U 5 1_555 B A 6  1_555 A A 6  1_555 B U 5 1_555 -0.069 -1.612 3.148 -2.928 4.319  22.911 -5.298 -0.739 2.787 10.696 7.250  
23.490 5 11_U5A6:U15A16_22  1 5 ? 2 16 ? 1 6  ? 2 15 ? 
1 A A 6 1_555 B U 5  1_555 A G 7  1_555 B C 4 1_555 0.206  -0.701 3.527 3.429  20.114 34.850 -3.383 0.104  2.749 30.564 -5.210 
40.224 6 11_A6G7:C14U15_22  1 6 ? 2 15 ? 1 7  ? 2 14 ? 
1 A G 7 1_555 B C 4  1_555 A U 8  1_555 B A 3 1_555 -0.270 -0.303 2.820 1.189  -3.237 36.799 -0.101 0.564  2.826 -5.114 -1.878 
36.955 7 11_G7U8:A13C14_22  1 7 ? 2 14 ? 1 8  ? 2 13 ? 
1 A U 8 1_555 B A 3  1_555 A C 9  1_555 B G 2 1_555 -0.239 -0.233 3.152 0.011  10.888 34.077 -1.882 0.392  2.942 18.016 -0.017 
35.725 8 11_U8C9:G12A13_22  1 8 ? 2 13 ? 1 9  ? 2 12 ? 
1 A C 9 1_555 B G 2  1_555 A C 10 1_555 B G 1 1_555 0.062  -0.404 2.992 0.014  8.364  33.121 -1.883 -0.104 2.809 14.388 -0.024 
34.132 9 11_C9C10:G11G12_22 1 9 ? 2 12 ? 1 10 ? 2 11 ? 
# 
loop_
_pdbx_nmr_spectrometer.field_strength 
_pdbx_nmr_spectrometer.manufacturer 
_pdbx_nmr_spectrometer.model 
_pdbx_nmr_spectrometer.spectrometer_id 
_pdbx_nmr_spectrometer.type 
600 Varian INOVA 1 'Varian INOVA' 
500 Varian INOVA 2 'Varian INOVA' 
# 
_atom_sites.entry_id                    2MVY 
_atom_sites.fract_transf_matrix[1][1]   1.000000 
_atom_sites.fract_transf_matrix[1][2]   0.000000 
_atom_sites.fract_transf_matrix[1][3]   0.000000 
_atom_sites.fract_transf_matrix[2][1]   0.000000 
_atom_sites.fract_transf_matrix[2][2]   1.000000 
_atom_sites.fract_transf_matrix[2][3]   0.000000 
_atom_sites.fract_transf_matrix[3][1]   0.000000 
_atom_sites.fract_transf_matrix[3][2]   0.000000 
_atom_sites.fract_transf_matrix[3][3]   1.000000 
_atom_sites.fract_transf_vector[1]      0.00000 
_atom_sites.fract_transf_vector[2]      0.00000 
_atom_sites.fract_transf_vector[3]      0.00000 
# 
loop_
_atom_type.symbol 
C 
H 
N 
O 
P 
# 
loop_
_atom_site.group_PDB 
_atom_site.id 
_atom_site.type_symbol 
_atom_site.label_atom_id 
_atom_site.label_alt_id 
_atom_site.label_comp_id 
_atom_site.label_asym_id 
_atom_site.label_entity_id 
_atom_site.label_seq_id 
_atom_site.pdbx_PDB_ins_code 
_atom_site.Cartn_x 
_atom_site.Cartn_y 
_atom_site.Cartn_z 
_atom_site.occupancy 
_atom_site.B_iso_or_equiv 
_atom_site.pdbx_formal_charge 
_atom_site.auth_seq_id 
_atom_site.auth_comp_id 
_atom_site.auth_asym_id 
_atom_site.auth_atom_id 
_atom_site.pdbx_PDB_model_num 
ATOM 1   O "O5'"  . G A 1 1  ? 7.786   -11.866 1.034   1.00 2.43 ? 1  G 1 "O5'"  1 
ATOM 2   C "C5'"  . G A 1 1  ? 9.197   -11.826 1.258   1.00 2.57 ? 1  G 1 "C5'"  1 
ATOM 3   C "C4'"  . G A 1 1  ? 9.944   -11.305 0.035   1.00 2.37 ? 1  G 1 "C4'"  1 
ATOM 4   O "O4'"  . G A 1 1  ? 9.618   -12.119 -1.097  1.00 2.31 ? 1  G 1 "O4'"  1 
ATOM 5   C "C3'"  . G A 1 1  ? 9.562   -9.898  -0.390  1.00 2.07 ? 1  G 1 "C3'"  1 
ATOM 6   O "O3'"  . G A 1 1  ? 10.502  -9.005  0.214   1.00 2.13 ? 1  G 1 "O3'"  1 
ATOM 7   C "C2'"  . G A 1 1  ? 9.841   -9.895  -1.884  1.00 1.89 ? 1  G 1 "C2'"  1 
ATOM 8   O "O2'"  . G A 1 1  ? 11.229  -9.659  -2.136  1.00 2.00 ? 1  G 1 "O2'"  1 
ATOM 9   C "C1'"  . G A 1 1  ? 9.460   -11.320 -2.282  1.00 2.02 ? 1  G 1 "C1'"  1 
ATOM 10  N N9     . G A 1 1  ? 8.059   -11.420 -2.733  1.00 1.83 ? 1  G 1 N9     1 
ATOM 11  C C8     . G A 1 1  ? 6.957   -11.820 -2.021  1.00 1.87 ? 1  G 1 C8     1 
ATOM 12  N N7     . G A 1 1  ? 5.851   -11.798 -2.710  1.00 1.67 ? 1  G 1 N7     1 
ATOM 13  C C5     . G A 1 1  ? 6.247   -11.353 -3.966  1.00 1.48 ? 1  G 1 C5     1 
ATOM 14  C C6     . G A 1 1  ? 5.475   -11.130 -5.140  1.00 1.25 ? 1  G 1 C6     1 
ATOM 15  O O6     . G A 1 1  ? 4.266   -11.286 -5.297  1.00 1.12 ? 1  G 1 O6     1 
ATOM 16  N N1     . G A 1 1  ? 6.259   -10.682 -6.190  1.00 1.22 ? 1  G 1 N1     1 
ATOM 17  C C2     . G A 1 1  ? 7.618   -10.472 -6.128  1.00 1.38 ? 1  G 1 C2     1 
ATOM 18  N N2     . G A 1 1  ? 8.215   -10.037 -7.238  1.00 1.41 ? 1  G 1 N2     1 
ATOM 19  N N3     . G A 1 1  ? 8.353   -10.678 -5.032  1.00 1.55 ? 1  G 1 N3     1 
ATOM 20  C C4     . G A 1 1  ? 7.601   -11.118 -3.992  1.00 1.60 ? 1  G 1 C4     1 
ATOM 21  H "H5'"  . G A 1 1  ? 9.549   -12.832 1.488   1.00 2.78 ? 1  G 1 "H5'"  1 
ATOM 22  H "H5''" . G A 1 1  ? 9.405   -11.174 2.106   1.00 2.67 ? 1  G 1 "H5''" 1 
ATOM 23  H "H4'"  . G A 1 1  ? 11.016  -11.370 0.221   1.00 2.51 ? 1  G 1 "H4'"  1 
ATOM 24  H "H3'"  . G A 1 1  ? 8.534   -9.634  -0.142  1.00 1.99 ? 1  G 1 "H3'"  1 
ATOM 25  H "H2'"  . G A 1 1  ? 9.216   -9.165  -2.398  1.00 1.67 ? 1  G 1 "H2'"  1 
ATOM 26  H "HO2'" . G A 1 1  ? 11.581  -10.444 -2.559  1.00 2.29 ? 1  G 1 "HO2'" 1 
ATOM 27  H "H1'"  . G A 1 1  ? 10.120  -11.698 -3.063  1.00 2.10 ? 1  G 1 "H1'"  1 
ATOM 28  H H8     . G A 1 1  ? 7.002   -12.127 -0.976  1.00 2.08 ? 1  G 1 H8     1 
ATOM 29  H H1     . G A 1 1  ? 5.791   -10.496 -7.066  1.00 1.12 ? 1  G 1 H1     1 
ATOM 30  H H21    . G A 1 1  ? 7.676   -9.903  -8.081  1.00 1.35 ? 1  G 1 H21    1 
ATOM 31  H H22    . G A 1 1  ? 9.206   -9.842  -7.236  1.00 1.53 ? 1  G 1 H22    1 
ATOM 32  H "HO5'" . G A 1 1  ? 7.378   -11.281 1.678   1.00 2.60 ? 1  G 1 "HO5'" 1 
ATOM 33  P P      . G A 1 2  ? 10.142  -7.449  0.412   1.00 2.00 ? 2  G 1 P      1 
ATOM 34  O OP1    . G A 1 2  ? 11.230  -6.818  1.192   1.00 2.16 ? 2  G 1 OP1    1 
ATOM 35  O OP2    . G A 1 2  ? 8.743   -7.355  0.887   1.00 2.03 ? 2  G 1 OP2    1 
ATOM 36  O "O5'"  . G A 1 2  ? 10.203  -6.880  -1.092  1.00 1.72 ? 2  G 1 "O5'"  1 
ATOM 37  C "C5'"  . G A 1 2  ? 11.416  -6.951  -1.847  1.00 1.71 ? 2  G 1 "C5'"  1 
ATOM 38  C "C4'"  . G A 1 2  ? 11.230  -6.411  -3.260  1.00 1.53 ? 2  G 1 "C4'"  1 
ATOM 39  O "O4'"  . G A 1 2  ? 10.588  -7.408  -4.064  1.00 1.43 ? 2  G 1 "O4'"  1 
ATOM 40  C "C3'"  . G A 1 2  ? 10.320  -5.200  -3.363  1.00 1.40 ? 2  G 1 "C3'"  1 
ATOM 41  O "O3'"  . G A 1 2  ? 11.156  -4.041  -3.332  1.00 1.47 ? 2  G 1 "O3'"  1 
ATOM 42  C "C2'"  . G A 1 2  ? 9.753   -5.306  -4.769  1.00 1.22 ? 2  G 1 "C2'"  1 
ATOM 43  O "O2'"  . G A 1 2  ? 10.674  -4.768  -5.722  1.00 1.26 ? 2  G 1 "O2'"  1 
ATOM 44  C "C1'"  . G A 1 2  ? 9.620   -6.818  -4.945  1.00 1.24 ? 2  G 1 "C1'"  1 
ATOM 45  N N9     . G A 1 2  ? 8.281   -7.308  -4.571  1.00 1.14 ? 2  G 1 N9     1 
ATOM 46  C C8     . G A 1 2  ? 7.835   -7.726  -3.342  1.00 1.23 ? 2  G 1 C8     1 
ATOM 47  N N7     . G A 1 2  ? 6.588   -8.103  -3.338  1.00 1.12 ? 2  G 1 N7     1 
ATOM 48  C C5     . G A 1 2  ? 6.177   -7.925  -4.655  1.00 0.94 ? 2  G 1 C5     1 
ATOM 49  C C6     . G A 1 2  ? 4.912   -8.170  -5.256  1.00 0.77 ? 2  G 1 C6     1 
ATOM 50  O O6     . G A 1 2  ? 3.888   -8.600  -4.731  1.00 0.74 ? 2  G 1 O6     1 
ATOM 51  N N1     . G A 1 2  ? 4.919   -7.857  -6.607  1.00 0.70 ? 2  G 1 N1     1 
ATOM 52  C C2     . G A 1 2  ? 6.005   -7.370  -7.299  1.00 0.80 ? 2  G 1 C2     1 
ATOM 53  N N2     . G A 1 2  ? 5.834   -7.123  -8.597  1.00 0.84 ? 2  G 1 N2     1 
ATOM 54  N N3     . G A 1 2  ? 7.198   -7.136  -6.743  1.00 0.91 ? 2  G 1 N3     1 
ATOM 55  C C4     . G A 1 2  ? 7.209   -7.437  -5.421  1.00 0.97 ? 2  G 1 C4     1 
ATOM 56  H "H5'"  . G A 1 2  ? 11.739  -7.991  -1.902  1.00 1.82 ? 2  G 1 "H5'"  1 
ATOM 57  H "H5''" . G A 1 2  ? 12.184  -6.367  -1.341  1.00 1.78 ? 2  G 1 "H5''" 1 
ATOM 58  H "H4'"  . G A 1 2  ? 12.209  -6.191  -3.685  1.00 1.59 ? 2  G 1 "H4'"  1 
ATOM 59  H "H3'"  . G A 1 2  ? 9.552   -5.168  -2.589  1.00 1.40 ? 2  G 1 "H3'"  1 
ATOM 60  H "H2'"  . G A 1 2  ? 8.782   -4.816  -4.839  1.00 1.13 ? 2  G 1 "H2'"  1 
ATOM 61  H "HO2'" . G A 1 2  ? 10.226  -4.748  -6.572  1.00 1.46 ? 2  G 1 "HO2'" 1 
ATOM 62  H "H1'"  . G A 1 2  ? 9.839   -7.112  -5.972  1.00 1.23 ? 2  G 1 "H1'"  1 
ATOM 63  H H8     . G A 1 2  ? 8.464   -7.740  -2.453  1.00 1.39 ? 2  G 1 H8     1 
ATOM 64  H H1     . G A 1 2  ? 4.060   -8.000  -7.116  1.00 0.63 ? 2  G 1 H1     1 
ATOM 65  H H21    . G A 1 2  ? 4.923   -7.241  -9.018  1.00 0.79 ? 2  G 1 H21    1 
ATOM 66  H H22    . G A 1 2  ? 6.615   -6.817  -9.160  1.00 0.97 ? 2  G 1 H22    1 
ATOM 67  P P      . A A 1 3  ? 10.555  -2.610  -2.904  1.00 1.48 ? 3  A 1 P      1 
ATOM 68  O OP1    . A A 1 3  ? 11.672  -1.642  -2.828  1.00 1.60 ? 3  A 1 OP1    1 
ATOM 69  O OP2    . A A 1 3  ? 9.672   -2.811  -1.734  1.00 1.51 ? 3  A 1 OP2    1 
ATOM 70  O "O5'"  . A A 1 3  ? 9.637   -2.221  -4.168  1.00 1.31 ? 3  A 1 "O5'"  1 
ATOM 71  C "C5'"  . A A 1 3  ? 10.235  -1.808  -5.400  1.00 1.26 ? 3  A 1 "C5'"  1 
ATOM 72  C "C4'"  . A A 1 3  ? 9.200   -1.689  -6.513  1.00 1.11 ? 3  A 1 "C4'"  1 
ATOM 73  O "O4'"  . A A 1 3  ? 8.621   -2.975  -6.758  1.00 1.02 ? 3  A 1 "O4'"  1 
ATOM 74  C "C3'"  . A A 1 3  ? 8.014   -0.798  -6.184  1.00 1.06 ? 3  A 1 "C3'"  1 
ATOM 75  O "O3'"  . A A 1 3  ? 8.308   0.503   -6.701  1.00 1.12 ? 3  A 1 "O3'"  1 
ATOM 76  C "C2'"  . A A 1 3  ? 6.896   -1.375  -7.037  1.00 0.91 ? 3  A 1 "C2'"  1 
ATOM 77  O "O2'"  . A A 1 3  ? 6.975   -0.876  -8.375  1.00 0.89 ? 3  A 1 "O2'"  1 
ATOM 78  C "C1'"  . A A 1 3  ? 7.210   -2.870  -7.002  1.00 0.89 ? 3  A 1 "C1'"  1 
ATOM 79  N N9     . A A 1 3  ? 6.491   -3.568  -5.920  1.00 0.87 ? 3  A 1 N9     1 
ATOM 80  C C8     . A A 1 3  ? 6.884   -3.769  -4.621  1.00 0.97 ? 3  A 1 C8     1 
ATOM 81  N N7     . A A 1 3  ? 6.013   -4.430  -3.908  1.00 0.93 ? 3  A 1 N7     1 
ATOM 82  C C5     . A A 1 3  ? 4.976   -4.681  -4.798  1.00 0.78 ? 3  A 1 C5     1 
ATOM 83  C C6     . A A 1 3  ? 3.747   -5.347  -4.664  1.00 0.67 ? 3  A 1 C6     1 
ATOM 84  N N6     . A A 1 3  ? 3.333   -5.907  -3.527  1.00 0.70 ? 3  A 1 N6     1 
ATOM 85  N N1     . A A 1 3  ? 2.952   -5.417  -5.744  1.00 0.54 ? 3  A 1 N1     1 
ATOM 86  C C2     . A A 1 3  ? 3.357   -4.861  -6.880  1.00 0.54 ? 3  A 1 C2     1 
ATOM 87  N N3     . A A 1 3  ? 4.483   -4.212  -7.135  1.00 0.63 ? 3  A 1 N3     1 
ATOM 88  C C4     . A A 1 3  ? 5.256   -4.160  -6.029  1.00 0.74 ? 3  A 1 C4     1 
ATOM 89  H "H5'"  . A A 1 3  ? 10.988  -2.540  -5.692  1.00 1.29 ? 3  A 1 "H5'"  1 
ATOM 90  H "H5''" . A A 1 3  ? 10.715  -0.841  -5.255  1.00 1.33 ? 3  A 1 "H5''" 1 
ATOM 91  H "H4'"  . A A 1 3  ? 9.696   -1.344  -7.421  1.00 1.11 ? 3  A 1 "H4'"  1 
ATOM 92  H "H3'"  . A A 1 3  ? 7.776   -0.768  -5.120  1.00 1.12 ? 3  A 1 "H3'"  1 
ATOM 93  H "H2'"  . A A 1 3  ? 5.921   -1.169  -6.595  1.00 0.88 ? 3  A 1 "H2'"  1 
ATOM 94  H "HO2'" . A A 1 3  ? 7.435   -1.535  -8.899  1.00 1.34 ? 3  A 1 "HO2'" 1 
ATOM 95  H "H1'"  . A A 1 3  ? 6.971   -3.340  -7.956  1.00 0.83 ? 3  A 1 "H1'"  1 
ATOM 96  H H8     . A A 1 3  ? 7.832   -3.410  -4.222  1.00 1.09 ? 3  A 1 H8     1 
ATOM 97  H H61    . A A 1 3  ? 2.466   -6.423  -3.506  1.00 0.61 ? 3  A 1 H61    1 
ATOM 98  H H62    . A A 1 3  ? 3.887   -5.816  -2.688  1.00 0.83 ? 3  A 1 H62    1 
ATOM 99  H H2     . A A 1 3  ? 2.668   -4.953  -7.719  1.00 0.48 ? 3  A 1 H2     1 
ATOM 100 P P      . C A 1 4  ? 7.477   1.787   -6.202  1.00 1.17 ? 4  C 1 P      1 
ATOM 101 O OP1    . C A 1 4  ? 8.054   2.990   -6.842  1.00 1.23 ? 4  C 1 OP1    1 
ATOM 102 O OP2    . C A 1 4  ? 7.359   1.720   -4.728  1.00 1.25 ? 4  C 1 OP2    1 
ATOM 103 O "O5'"  . C A 1 4  ? 6.019   1.532   -6.836  1.00 1.06 ? 4  C 1 "O5'"  1 
ATOM 104 C "C5'"  . C A 1 4  ? 5.827   1.568   -8.252  1.00 0.98 ? 4  C 1 "C5'"  1 
ATOM 105 C "C4'"  . C A 1 4  ? 4.396   1.201   -8.634  1.00 0.88 ? 4  C 1 "C4'"  1 
ATOM 106 O "O4'"  . C A 1 4  ? 4.193   -0.198  -8.404  1.00 0.81 ? 4  C 1 "O4'"  1 
ATOM 107 C "C3'"  . C A 1 4  ? 3.323   1.880   -7.802  1.00 0.92 ? 4  C 1 "C3'"  1 
ATOM 108 O "O3'"  . C A 1 4  ? 2.914   3.050   -8.515  1.00 0.97 ? 4  C 1 "O3'"  1 
ATOM 109 C "C2'"  . C A 1 4  ? 2.164   0.898   -7.855  1.00 0.83 ? 4  C 1 "C2'"  1 
ATOM 110 O "O2'"  . C A 1 4  ? 1.418   1.066   -9.062  1.00 0.80 ? 4  C 1 "O2'"  1 
ATOM 111 C "C1'"  . C A 1 4  ? 2.889   -0.447  -7.854  1.00 0.75 ? 4  C 1 "C1'"  1 
ATOM 112 N N1     . C A 1 4  ? 3.049   -0.997  -6.495  1.00 0.77 ? 4  C 1 N1     1 
ATOM 113 C C2     . C A 1 4  ? 2.196   -2.020  -6.112  1.00 0.67 ? 4  C 1 C2     1 
ATOM 114 O O2     . C A 1 4  ? 1.344   -2.438  -6.894  1.00 0.58 ? 4  C 1 O2     1 
ATOM 115 N N3     . C A 1 4  ? 2.324   -2.543  -4.862  1.00 0.70 ? 4  C 1 N3     1 
ATOM 116 C C4     . C A 1 4  ? 3.255   -2.079  -4.018  1.00 0.83 ? 4  C 1 C4     1 
ATOM 117 N N4     . C A 1 4  ? 3.332   -2.632  -2.808  1.00 0.88 ? 4  C 1 N4     1 
ATOM 118 C C5     . C A 1 4  ? 4.139   -1.023  -4.408  1.00 0.93 ? 4  C 1 C5     1 
ATOM 119 C C6     . C A 1 4  ? 4.001   -0.514  -5.646  1.00 0.90 ? 4  C 1 C6     1 
ATOM 120 H "H5'"  . C A 1 4  ? 6.512   0.863   -8.723  1.00 0.96 ? 4  C 1 "H5'"  1 
ATOM 121 H "H5''" . C A 1 4  ? 6.045   2.572   -8.615  1.00 1.03 ? 4  C 1 "H5''" 1 
ATOM 122 H "H4'"  . C A 1 4  ? 4.249   1.410   -9.694  1.00 0.86 ? 4  C 1 "H4'"  1 
ATOM 123 H "H3'"  . C A 1 4  ? 3.644   2.116   -6.787  1.00 0.99 ? 4  C 1 "H3'"  1 
ATOM 124 H "H2'"  . C A 1 4  ? 1.525   0.998   -6.978  1.00 0.86 ? 4  C 1 "H2'"  1 
ATOM 125 H "HO2'" . C A 1 4  ? 1.874   1.725   -9.591  1.00 1.07 ? 4  C 1 "HO2'" 1 
ATOM 126 H "H1'"  . C A 1 4  ? 2.366   -1.173  -8.478  1.00 0.67 ? 4  C 1 "H1'"  1 
ATOM 127 H H41    . C A 1 4  ? 2.659   -3.332  -2.529  1.00 0.81 ? 4  C 1 H41    1 
ATOM 128 H H42    . C A 1 4  ? 4.062   -2.350  -2.169  1.00 0.98 ? 4  C 1 H42    1 
ATOM 129 H H5     . C A 1 4  ? 4.901   -0.637  -3.730  1.00 1.05 ? 4  C 1 H5     1 
ATOM 130 H H6     . C A 1 4  ? 4.659   0.291   -5.975  1.00 0.97 ? 4  C 1 H6     1 
ATOM 131 P P      . U A 1 5  ? 2.200   4.271   -7.746  1.00 1.07 ? 5  U 1 P      1 
ATOM 132 O OP1    . U A 1 5  ? 2.117   5.419   -8.675  1.00 1.17 ? 5  U 1 OP1    1 
ATOM 133 O OP2    . U A 1 5  ? 2.854   4.432   -6.428  1.00 1.15 ? 5  U 1 OP2    1 
ATOM 134 O "O5'"  . U A 1 5  ? 0.711   3.709   -7.503  1.00 0.96 ? 5  U 1 "O5'"  1 
ATOM 135 C "C5'"  . U A 1 5  ? -0.161  3.465   -8.610  1.00 0.92 ? 5  U 1 "C5'"  1 
ATOM 136 C "C4'"  . U A 1 5  ? -1.536  2.994   -8.147  1.00 0.86 ? 5  U 1 "C4'"  1 
ATOM 137 O "O4'"  . U A 1 5  ? -1.452  1.621   -7.747  1.00 0.87 ? 5  U 1 "O4'"  1 
ATOM 138 C "C3'"  . U A 1 5  ? -2.075  3.713   -6.922  1.00 0.81 ? 5  U 1 "C3'"  1 
ATOM 139 O "O3'"  . U A 1 5  ? -2.907  4.777   -7.390  1.00 0.83 ? 5  U 1 "O3'"  1 
ATOM 140 C "C2'"  . U A 1 5  ? -2.987  2.679   -6.283  1.00 0.79 ? 5  U 1 "C2'"  1 
ATOM 141 O "O2'"  . U A 1 5  ? -4.268  2.679   -6.919  1.00 0.83 ? 5  U 1 "O2'"  1 
ATOM 142 C "C1'"  . U A 1 5  ? -2.244  1.376   -6.572  1.00 0.82 ? 5  U 1 "C1'"  1 
ATOM 143 N N1     . U A 1 5  ? -1.344  0.989   -5.471  1.00 0.80 ? 5  U 1 N1     1 
ATOM 144 C C2     . U A 1 5  ? -1.841  0.121   -4.517  1.00 0.76 ? 5  U 1 C2     1 
ATOM 145 O O2     . U A 1 5  ? -2.985  -0.324  -4.562  1.00 0.72 ? 5  U 1 O2     1 
ATOM 146 N N3     . U A 1 5  ? -0.971  -0.221  -3.499  1.00 0.78 ? 5  U 1 N3     1 
ATOM 147 C C4     . U A 1 5  ? 0.331   0.223   -3.357  1.00 0.85 ? 5  U 1 C4     1 
ATOM 148 O O4     . U A 1 5  ? 1.008   -0.156  -2.404  1.00 0.90 ? 5  U 1 O4     1 
ATOM 149 C C5     . U A 1 5  ? 0.776   1.125   -4.394  1.00 0.89 ? 5  U 1 C5     1 
ATOM 150 C C6     . U A 1 5  ? -0.064  1.473   -5.401  1.00 0.87 ? 5  U 1 C6     1 
ATOM 151 H "H5'"  . U A 1 5  ? 0.280   2.700   -9.248  1.00 0.91 ? 5  U 1 "H5'"  1 
ATOM 152 H "H5''" . U A 1 5  ? -0.275  4.385   -9.183  1.00 0.98 ? 5  U 1 "H5''" 1 
ATOM 153 H "H4'"  . U A 1 5  ? -2.237  3.078   -8.978  1.00 0.89 ? 5  U 1 "H4'"  1 
ATOM 154 H "H3'"  . U A 1 5  ? -1.293  4.073   -6.253  1.00 0.82 ? 5  U 1 "H3'"  1 
ATOM 155 H "H2'"  . U A 1 5  ? -3.078  2.848   -5.210  1.00 0.78 ? 5  U 1 "H2'"  1 
ATOM 156 H "HO2'" . U A 1 5  ? -4.200  2.121   -7.696  1.00 1.18 ? 5  U 1 "HO2'" 1 
ATOM 157 H "H1'"  . U A 1 5  ? -2.943  0.564   -6.771  1.00 0.83 ? 5  U 1 "H1'"  1 
ATOM 158 H H3     . U A 1 5  ? -1.319  -0.854  -2.793  1.00 0.76 ? 5  U 1 H3     1 
ATOM 159 H H5     . U A 1 5  ? 1.789   1.528   -4.367  1.00 0.96 ? 5  U 1 H5     1 
ATOM 160 H H6     . U A 1 5  ? 0.289   2.155   -6.174  1.00 0.91 ? 5  U 1 H6     1 
ATOM 161 P P      . A A 1 6  ? -3.542  5.834   -6.355  1.00 0.81 ? 6  A 1 P      1 
ATOM 162 O OP1    . A A 1 6  ? -4.345  6.812   -7.124  1.00 0.87 ? 6  A 1 OP1    1 
ATOM 163 O OP2    . A A 1 6  ? -2.464  6.307   -5.457  1.00 0.83 ? 6  A 1 OP2    1 
ATOM 164 O "O5'"  . A A 1 6  ? -4.550  4.921   -5.494  1.00 0.75 ? 6  A 1 "O5'"  1 
ATOM 165 C "C5'"  . A A 1 6  ? -5.701  4.332   -6.107  1.00 0.78 ? 6  A 1 "C5'"  1 
ATOM 166 C "C4'"  . A A 1 6  ? -6.592  3.642   -5.081  1.00 0.72 ? 6  A 1 "C4'"  1 
ATOM 167 O "O4'"  . A A 1 6  ? -5.981  2.410   -4.681  1.00 0.74 ? 6  A 1 "O4'"  1 
ATOM 168 C "C3'"  . A A 1 6  ? -6.779  4.409   -3.783  1.00 0.63 ? 6  A 1 "C3'"  1 
ATOM 169 O "O3'"  . A A 1 6  ? -7.988  5.162   -3.910  1.00 0.64 ? 6  A 1 "O3'"  1 
ATOM 170 C "C2'"  . A A 1 6  ? -7.041  3.314   -2.764  1.00 0.62 ? 6  A 1 "C2'"  1 
ATOM 171 O "O2'"  . A A 1 6  ? -8.414  2.916   -2.795  1.00 0.68 ? 6  A 1 "O2'"  1 
ATOM 172 C "C1'"  . A A 1 6  ? -6.143  2.186   -3.271  1.00 0.68 ? 6  A 1 "C1'"  1 
ATOM 173 N N9     . A A 1 6  ? -4.812  2.202   -2.636  1.00 0.64 ? 6  A 1 N9     1 
ATOM 174 C C8     . A A 1 6  ? -3.673  2.844   -3.049  1.00 0.66 ? 6  A 1 C8     1 
ATOM 175 N N7     . A A 1 6  ? -2.651  2.657   -2.259  1.00 0.64 ? 6  A 1 N7     1 
ATOM 176 C C5     . A A 1 6  ? -3.153  1.833   -1.256  1.00 0.60 ? 6  A 1 C5     1 
ATOM 177 C C6     . A A 1 6  ? -2.571  1.269   -0.111  1.00 0.59 ? 6  A 1 C6     1 
ATOM 178 N N6     . A A 1 6  ? -1.298  1.454   0.238   1.00 0.62 ? 6  A 1 N6     1 
ATOM 179 N N1     . A A 1 6  ? -3.348  0.501   0.671   1.00 0.56 ? 6  A 1 N1     1 
ATOM 180 C C2     . A A 1 6  ? -4.617  0.312   0.331   1.00 0.55 ? 6  A 1 C2     1 
ATOM 181 N N3     . A A 1 6  ? -5.280  0.784   -0.714  1.00 0.58 ? 6  A 1 N3     1 
ATOM 182 C C4     . A A 1 6  ? -4.470  1.550   -1.476  1.00 0.60 ? 6  A 1 C4     1 
ATOM 183 H "H5'"  . A A 1 6  ? -5.374  3.600   -6.845  1.00 0.84 ? 6  A 1 "H5'"  1 
ATOM 184 H "H5''" . A A 1 6  ? -6.274  5.112   -6.609  1.00 0.85 ? 6  A 1 "H5''" 1 
ATOM 185 H "H4'"  . A A 1 6  ? -7.557  3.426   -5.540  1.00 0.77 ? 6  A 1 "H4'"  1 
ATOM 186 H "H3'"  . A A 1 6  ? -5.931  5.044   -3.529  1.00 0.60 ? 6  A 1 "H3'"  1 
ATOM 187 H "H2'"  . A A 1 6  ? -6.744  3.630   -1.763  1.00 0.57 ? 6  A 1 "H2'"  1 
ATOM 188 H "HO2'" . A A 1 6  ? -8.435  1.981   -3.012  1.00 1.09 ? 6  A 1 "HO2'" 1 
ATOM 189 H "H1'"  . A A 1 6  ? -6.609  1.215   -3.110  1.00 0.73 ? 6  A 1 "H1'"  1 
ATOM 190 H H8     . A A 1 6  ? -3.625  3.453   -3.950  1.00 0.70 ? 6  A 1 H8     1 
ATOM 191 H H61    . A A 1 6  ? -0.921  0.977   1.044   1.00 0.64 ? 6  A 1 H61    1 
ATOM 192 H H62    . A A 1 6  ? -0.710  2.071   -0.304  1.00 0.65 ? 6  A 1 H62    1 
ATOM 193 H H2     . A A 1 6  ? -5.194  -0.321  1.007   1.00 0.54 ? 6  A 1 H2     1 
ATOM 194 P P      . G A 1 7  ? -8.362  6.296   -2.830  1.00 0.61 ? 7  G 1 P      1 
ATOM 195 O OP1    . G A 1 7  ? -9.693  6.844   -3.176  1.00 0.70 ? 7  G 1 OP1    1 
ATOM 196 O OP2    . G A 1 7  ? -7.203  7.205   -2.692  1.00 0.58 ? 7  G 1 OP2    1 
ATOM 197 O "O5'"  . G A 1 7  ? -8.504  5.449   -1.468  1.00 0.57 ? 7  G 1 "O5'"  1 
ATOM 198 C "C5'"  . G A 1 7  ? -9.599  4.549   -1.284  1.00 0.63 ? 7  G 1 "C5'"  1 
ATOM 199 C "C4'"  . G A 1 7  ? -9.659  4.025   0.148   1.00 0.59 ? 7  G 1 "C4'"  1 
ATOM 200 O "O4'"  . G A 1 7  ? -8.675  2.999   0.314   1.00 0.60 ? 7  G 1 "O4'"  1 
ATOM 201 C "C3'"  . G A 1 7  ? -9.319  5.052   1.215   1.00 0.52 ? 7  G 1 "C3'"  1 
ATOM 202 O "O3'"  . G A 1 7  ? -10.554 5.613   1.667   1.00 0.59 ? 7  G 1 "O3'"  1 
ATOM 203 C "C2'"  . G A 1 7  ? -8.771  4.206   2.352   1.00 0.51 ? 7  G 1 "C2'"  1 
ATOM 204 O "O2'"  . G A 1 7  ? -9.838  3.661   3.133   1.00 0.58 ? 7  G 1 "O2'"  1 
ATOM 205 C "C1'"  . G A 1 7  ? -8.037  3.098   1.599   1.00 0.53 ? 7  G 1 "C1'"  1 
ATOM 206 N N9     . G A 1 7  ? -6.610  3.411   1.392   1.00 0.47 ? 7  G 1 N9     1 
ATOM 207 C C8     . G A 1 7  ? -6.029  4.124   0.375   1.00 0.47 ? 7  G 1 C8     1 
ATOM 208 N N7     . G A 1 7  ? -4.734  4.225   0.479   1.00 0.45 ? 7  G 1 N7     1 
ATOM 209 C C5     . G A 1 7  ? -4.435  3.532   1.646   1.00 0.45 ? 7  G 1 C5     1 
ATOM 210 C C6     . G A 1 7  ? -3.180  3.301   2.273   1.00 0.48 ? 7  G 1 C6     1 
ATOM 211 O O6     . G A 1 7  ? -2.066  3.672   1.909   1.00 0.52 ? 7  G 1 O6     1 
ATOM 212 N N1     . G A 1 7  ? -3.317  2.556   3.434   1.00 0.50 ? 7  G 1 N1     1 
ATOM 213 C C2     . G A 1 7  ? -4.512  2.088   3.934   1.00 0.48 ? 7  G 1 C2     1 
ATOM 214 N N2     . G A 1 7  ? -4.458  1.385   5.066   1.00 0.51 ? 7  G 1 N2     1 
ATOM 215 N N3     . G A 1 7  ? -5.696  2.299   3.354   1.00 0.46 ? 7  G 1 N3     1 
ATOM 216 C C4     . G A 1 7  ? -5.579  3.028   2.216   1.00 0.45 ? 7  G 1 C4     1 
ATOM 217 H "H5'"  . G A 1 7  ? -9.485  3.706   -1.966  1.00 0.71 ? 7  G 1 "H5'"  1 
ATOM 218 H "H5''" . G A 1 7  ? -10.529 5.069   -1.511  1.00 0.68 ? 7  G 1 "H5''" 1 
ATOM 219 H "H4'"  . G A 1 7  ? -10.648 3.601   0.327   1.00 0.65 ? 7  G 1 "H4'"  1 
ATOM 220 H "H3'"  . G A 1 7  ? -8.625  5.819   0.872   1.00 0.49 ? 7  G 1 "H3'"  1 
ATOM 221 H "H2'"  . G A 1 7  ? -8.082  4.781   2.970   1.00 0.46 ? 7  G 1 "H2'"  1 
ATOM 222 H "HO2'" . G A 1 7  ? -9.501  2.875   3.567   1.00 1.10 ? 7  G 1 "HO2'" 1 
ATOM 223 H "H1'"  . G A 1 7  ? -8.126  2.146   2.121   1.00 0.58 ? 7  G 1 "H1'"  1 
ATOM 224 H H8     . G A 1 7  ? -6.598  4.565   -0.444  1.00 0.50 ? 7  G 1 H8     1 
ATOM 225 H H1     . G A 1 7  ? -2.474  2.343   3.945   1.00 0.55 ? 7  G 1 H1     1 
ATOM 226 H H21    . G A 1 7  ? -3.575  1.254   5.538   1.00 0.54 ? 7  G 1 H21    1 
ATOM 227 H H22    . G A 1 7  ? -5.301  0.983   5.451   1.00 0.51 ? 7  G 1 H22    1 
ATOM 228 P P      . U A 1 8  ? -10.561 6.892   2.645   1.00 0.60 ? 8  U 1 P      1 
ATOM 229 O OP1    . U A 1 8  ? -11.968 7.228   2.958   1.00 0.73 ? 8  U 1 OP1    1 
ATOM 230 O OP2    . U A 1 8  ? -9.667  7.921   2.069   1.00 0.56 ? 8  U 1 OP2    1 
ATOM 231 O "O5'"  . U A 1 8  ? -9.871  6.316   3.981   1.00 0.56 ? 8  U 1 "O5'"  1 
ATOM 232 C "C5'"  . U A 1 8  ? -10.549 5.349   4.788   1.00 0.64 ? 8  U 1 "C5'"  1 
ATOM 233 C "C4'"  . U A 1 8  ? -9.743  4.996   6.034   1.00 0.59 ? 8  U 1 "C4'"  1 
ATOM 234 O "O4'"  . U A 1 8  ? -8.604  4.216   5.652   1.00 0.53 ? 8  U 1 "O4'"  1 
ATOM 235 C "C3'"  . U A 1 8  ? -9.155  6.188   6.769   1.00 0.58 ? 8  U 1 "C3'"  1 
ATOM 236 O "O3'"  . U A 1 8  ? -10.076 6.537   7.807   1.00 0.71 ? 8  U 1 "O3'"  1 
ATOM 237 C "C2'"  . U A 1 8  ? -7.922  5.610   7.443   1.00 0.54 ? 8  U 1 "C2'"  1 
ATOM 238 O "O2'"  . U A 1 8  ? -8.277  4.956   8.665   1.00 0.64 ? 8  U 1 "O2'"  1 
ATOM 239 C "C1'"  . U A 1 8  ? -7.443  4.592   6.409   1.00 0.48 ? 8  U 1 "C1'"  1 
ATOM 240 N N1     . U A 1 8  ? -6.443  5.161   5.486   1.00 0.39 ? 8  U 1 N1     1 
ATOM 241 C C2     . U A 1 8  ? -5.120  4.821   5.693   1.00 0.39 ? 8  U 1 C2     1 
ATOM 242 O O2     . U A 1 8  ? -4.764  4.076   6.603   1.00 0.46 ? 8  U 1 O2     1 
ATOM 243 N N3     . U A 1 8  ? -4.210  5.371   4.810   1.00 0.39 ? 8  U 1 N3     1 
ATOM 244 C C4     . U A 1 8  ? -4.505  6.217   3.757   1.00 0.35 ? 8  U 1 C4     1 
ATOM 245 O O4     . U A 1 8  ? -3.603  6.643   3.038   1.00 0.40 ? 8  U 1 O4     1 
ATOM 246 C C5     . U A 1 8  ? -5.909  6.525   3.607   1.00 0.34 ? 8  U 1 C5     1 
ATOM 247 C C6     . U A 1 8  ? -6.818  5.994   4.464   1.00 0.38 ? 8  U 1 C6     1 
ATOM 248 H "H5'"  . U A 1 8  ? -10.710 4.445   4.200   1.00 0.67 ? 8  U 1 "H5'"  1 
ATOM 249 H "H5''" . U A 1 8  ? -11.514 5.753   5.091   1.00 0.74 ? 8  U 1 "H5''" 1 
ATOM 250 H "H4'"  . U A 1 8  ? -10.369 4.405   6.702   1.00 0.68 ? 8  U 1 "H4'"  1 
ATOM 251 H "H3'"  . U A 1 8  ? -8.936  7.034   6.118   1.00 0.56 ? 8  U 1 "H3'"  1 
ATOM 252 H "H2'"  . U A 1 8  ? -7.170  6.381   7.611   1.00 0.52 ? 8  U 1 "H2'"  1 
ATOM 253 H "HO2'" . U A 1 8  ? -7.509  4.457   8.954   1.00 1.13 ? 8  U 1 "HO2'" 1 
ATOM 254 H "H1'"  . U A 1 8  ? -7.026  3.709   6.894   1.00 0.53 ? 8  U 1 "H1'"  1 
ATOM 255 H H3     . U A 1 8  ? -3.237  5.133   4.947   1.00 0.46 ? 8  U 1 H3     1 
ATOM 256 H H5     . U A 1 8  ? -6.239  7.184   2.805   1.00 0.36 ? 8  U 1 H5     1 
ATOM 257 H H6     . U A 1 8  ? -7.872  6.236   4.337   1.00 0.45 ? 8  U 1 H6     1 
ATOM 258 P P      . C A 1 9  ? -9.999  7.982   8.514   1.00 0.83 ? 9  C 1 P      1 
ATOM 259 O OP1    . C A 1 9  ? -11.148 8.106   9.439   1.00 1.00 ? 9  C 1 OP1    1 
ATOM 260 O OP2    . C A 1 9  ? -9.784  9.001   7.463   1.00 0.82 ? 9  C 1 OP2    1 
ATOM 261 O "O5'"  . C A 1 9  ? -8.655  7.872   9.392   1.00 0.83 ? 9  C 1 "O5'"  1 
ATOM 262 C "C5'"  . C A 1 9  ? -8.579  6.961   10.493  1.00 0.91 ? 9  C 1 "C5'"  1 
ATOM 263 C "C4'"  . C A 1 9  ? -7.229  7.044   11.197  1.00 0.92 ? 9  C 1 "C4'"  1 
ATOM 264 O "O4'"  . C A 1 9  ? -6.241  6.385   10.398  1.00 0.79 ? 9  C 1 "O4'"  1 
ATOM 265 C "C3'"  . C A 1 9  ? -6.692  8.453   11.377  1.00 0.98 ? 9  C 1 "C3'"  1 
ATOM 266 O "O3'"  . C A 1 9  ? -7.083  8.889   12.681  1.00 1.16 ? 9  C 1 "O3'"  1 
ATOM 267 C "C2'"  . C A 1 9  ? -5.186  8.253   11.407  1.00 0.95 ? 9  C 1 "C2'"  1 
ATOM 268 O "O2'"  . C A 1 9  ? -4.757  7.859   12.712  1.00 1.08 ? 9  C 1 "O2'"  1 
ATOM 269 C "C1'"  . C A 1 9  ? -4.998  7.107   10.413  1.00 0.79 ? 9  C 1 "C1'"  1 
ATOM 270 N N1     . C A 1 9  ? -4.719  7.592   9.047   1.00 0.67 ? 9  C 1 N1     1 
ATOM 271 C C2     . C A 1 9  ? -3.416  7.494   8.586   1.00 0.63 ? 9  C 1 C2     1 
ATOM 272 O O2     . C A 1 9  ? -2.541  7.018   9.306   1.00 0.70 ? 9  C 1 O2     1 
ATOM 273 N N3     . C A 1 9  ? -3.134  7.934   7.329   1.00 0.57 ? 9  C 1 N3     1 
ATOM 274 C C4     . C A 1 9  ? -4.096  8.451   6.554   1.00 0.56 ? 9  C 1 C4     1 
ATOM 275 N N4     . C A 1 9  ? -3.758  8.864   5.333   1.00 0.58 ? 9  C 1 N4     1 
ATOM 276 C C5     . C A 1 9  ? -5.443  8.555   7.025   1.00 0.59 ? 9  C 1 C5     1 
ATOM 277 C C6     . C A 1 9  ? -5.709  8.116   8.269   1.00 0.64 ? 9  C 1 C6     1 
ATOM 278 H "H5'"  . C A 1 9  ? -8.726  5.946   10.124  1.00 0.88 ? 9  C 1 "H5'"  1 
ATOM 279 H "H5''" . C A 1 9  ? -9.368  7.199   11.206  1.00 1.03 ? 9  C 1 "H5''" 1 
ATOM 280 H "H4'"  . C A 1 9  ? -7.302  6.537   12.160  1.00 1.01 ? 9  C 1 "H4'"  1 
ATOM 281 H "H3'"  . C A 1 9  ? -7.022  9.145   10.602  1.00 0.96 ? 9  C 1 "H3'"  1 
ATOM 282 H "H2'"  . C A 1 9  ? -4.664  9.149   11.074  1.00 0.97 ? 9  C 1 "H2'"  1 
ATOM 283 H "HO2'" . C A 1 9  ? -5.401  7.228   13.046  1.00 1.39 ? 9  C 1 "HO2'" 1 
ATOM 284 H "H1'"  . C A 1 9  ? -4.197  6.441   10.731  1.00 0.81 ? 9  C 1 "H1'"  1 
ATOM 285 H H41    . C A 1 9  ? -2.800  8.791   5.022   1.00 0.58 ? 9  C 1 H41    1 
ATOM 286 H H42    . C A 1 9  ? -4.460  9.253   4.718   1.00 0.64 ? 9  C 1 H42    1 
ATOM 287 H H5     . C A 1 9  ? -6.235  8.973   6.402   1.00 0.62 ? 9  C 1 H5     1 
ATOM 288 H H6     . C A 1 9  ? -6.725  8.181   8.658   1.00 0.70 ? 9  C 1 H6     1 
ATOM 289 P P      . C A 1 10 ? -7.169  10.460  13.027  1.00 1.33 ? 10 C 1 P      1 
ATOM 290 O OP1    . C A 1 10 ? -7.793  10.607  14.361  1.00 1.50 ? 10 C 1 OP1    1 
ATOM 291 O OP2    . C A 1 10 ? -7.749  11.159  11.859  1.00 1.28 ? 10 C 1 OP2    1 
ATOM 292 O "O5'"  . C A 1 10 ? -5.619  10.878  13.146  1.00 1.37 ? 10 C 1 "O5'"  1 
ATOM 293 C "C5'"  . C A 1 10 ? -4.816  10.387  14.223  1.00 1.46 ? 10 C 1 "C5'"  1 
ATOM 294 C "C4'"  . C A 1 10 ? -3.347  10.754  14.039  1.00 1.49 ? 10 C 1 "C4'"  1 
ATOM 295 O "O4'"  . C A 1 10 ? -2.807  10.000  12.948  1.00 1.30 ? 10 C 1 "O4'"  1 
ATOM 296 C "C3'"  . C A 1 10 ? -3.097  12.206  13.657  1.00 1.60 ? 10 C 1 "C3'"  1 
ATOM 297 O "O3'"  . C A 1 10 ? -2.999  13.024  14.826  1.00 1.83 ? 10 C 1 "O3'"  1 
ATOM 298 C "C2'"  . C A 1 10 ? -1.750  12.111  12.954  1.00 1.55 ? 10 C 1 "C2'"  1 
ATOM 299 O "O2'"  . C A 1 10 ? -0.689  12.036  13.910  1.00 1.70 ? 10 C 1 "O2'"  1 
ATOM 300 C "C1'"  . C A 1 10 ? -1.880  10.793  12.194  1.00 1.32 ? 10 C 1 "C1'"  1 
ATOM 301 N N1     . C A 1 10 ? -2.416  10.980  10.833  1.00 1.17 ? 10 C 1 N1     1 
ATOM 302 C C2     . C A 1 10 ? -1.515  10.954  9.781   1.00 1.10 ? 10 C 1 C2     1 
ATOM 303 O O2     . C A 1 10 ? -0.319  10.779  9.996   1.00 1.16 ? 10 C 1 O2     1 
ATOM 304 N N3     . C A 1 10 ? -1.986  11.124  8.514   1.00 1.01 ? 10 C 1 N3     1 
ATOM 305 C C4     . C A 1 10 ? -3.294  11.314  8.291   1.00 0.98 ? 10 C 1 C4     1 
ATOM 306 N N4     . C A 1 10 ? -3.694  11.474  7.030   1.00 0.94 ? 10 C 1 N4     1 
ATOM 307 C C5     . C A 1 10 ? -4.228  11.342  9.374   1.00 1.05 ? 10 C 1 C5     1 
ATOM 308 C C6     . C A 1 10 ? -3.749  11.173  10.621  1.00 1.14 ? 10 C 1 C6     1 
ATOM 309 H "H5'"  . C A 1 10 ? -4.908  9.302   14.269  1.00 1.39 ? 10 C 1 "H5'"  1 
ATOM 310 H "H5''" . C A 1 10 ? -5.175  10.815  15.159  1.00 1.60 ? 10 C 1 "H5''" 1 
ATOM 311 H "H4'"  . C A 1 10 ? -2.803  10.499  14.949  1.00 1.59 ? 10 C 1 "H4'"  1 
ATOM 312 H "H3'"  . C A 1 10 ? -3.869  12.573  12.980  1.00 1.56 ? 10 C 1 "H3'"  1 
ATOM 313 H "HO3'" . C A 1 10 ? -3.813  13.529  14.890  1.00 2.15 ? 10 C 1 "HO3'" 1 
ATOM 314 H "H2'"  . C A 1 10 ? -1.607  12.946  12.268  1.00 1.57 ? 10 C 1 "H2'"  1 
ATOM 315 H "HO2'" . C A 1 10 ? -0.404  12.936  14.090  1.00 2.01 ? 10 C 1 "HO2'" 1 
ATOM 316 H "H1'"  . C A 1 10 ? -0.922  10.276  12.140  1.00 1.31 ? 10 C 1 "H1'"  1 
ATOM 317 H H41    . C A 1 10 ? -3.018  11.458  6.280   1.00 0.93 ? 10 C 1 H41    1 
ATOM 318 H H42    . C A 1 10 ? -4.673  11.612  6.824   1.00 0.97 ? 10 C 1 H42    1 
ATOM 319 H H5     . C A 1 10 ? -5.294  11.495  9.204   1.00 1.06 ? 10 C 1 H5     1 
ATOM 320 H H6     . C A 1 10 ? -4.435  11.189  11.469  1.00 1.22 ? 10 C 1 H6     1 
ATOM 321 O "O5'"  . G B 1 1  ? 3.564   13.190  0.189   1.00 1.59 ? 11 G 2 "O5'"  1 
ATOM 322 C "C5'"  . G B 1 1  ? 4.902   13.626  0.439   1.00 1.68 ? 11 G 2 "C5'"  1 
ATOM 323 C "C4'"  . G B 1 1  ? 5.358   13.258  1.847   1.00 1.56 ? 11 G 2 "C4'"  1 
ATOM 324 O "O4'"  . G B 1 1  ? 4.531   13.935  2.801   1.00 1.54 ? 11 G 2 "O4'"  1 
ATOM 325 C "C3'"  . G B 1 1  ? 5.213   11.787  2.199   1.00 1.38 ? 11 G 2 "C3'"  1 
ATOM 326 O "O3'"  . G B 1 1  ? 6.473   11.165  1.931   1.00 1.44 ? 11 G 2 "O3'"  1 
ATOM 327 C "C2'"  . G B 1 1  ? 5.034   11.803  3.707   1.00 1.30 ? 11 G 2 "C2'"  1 
ATOM 328 O "O2'"  . G B 1 1  ? 6.302   11.896  4.363   1.00 1.39 ? 11 G 2 "O2'"  1 
ATOM 329 C "C1'"  . G B 1 1  ? 4.226   13.083  3.918   1.00 1.38 ? 11 G 2 "C1'"  1 
ATOM 330 N N9     . G B 1 1  ? 2.773   12.832  3.934   1.00 1.26 ? 11 G 2 N9     1 
ATOM 331 C C8     . G B 1 1  ? 1.872   12.953  2.908   1.00 1.28 ? 11 G 2 C8     1 
ATOM 332 N N7     . G B 1 1  ? 0.648   12.655  3.247   1.00 1.17 ? 11 G 2 N7     1 
ATOM 333 C C5     . G B 1 1  ? 0.746   12.312  4.591   1.00 1.08 ? 11 G 2 C5     1 
ATOM 334 C C6     . G B 1 1  ? -0.265  11.896  5.501   1.00 0.99 ? 11 G 2 C6     1 
ATOM 335 O O6     . G B 1 1  ? -1.467  11.748  5.290   1.00 0.93 ? 11 G 2 O6     1 
ATOM 336 N N1     . G B 1 1  ? 0.254   11.647  6.761   1.00 1.01 ? 11 G 2 N1     1 
ATOM 337 C C2     . G B 1 1  ? 1.578   11.779  7.110   1.00 1.09 ? 11 G 2 C2     1 
ATOM 338 N N2     . G B 1 1  ? 1.903   11.496  8.372   1.00 1.16 ? 11 G 2 N2     1 
ATOM 339 N N3     . G B 1 1  ? 2.536   12.167  6.264   1.00 1.16 ? 11 G 2 N3     1 
ATOM 340 C C4     . G B 1 1  ? 2.046   12.416  5.024   1.00 1.15 ? 11 G 2 C4     1 
ATOM 341 H "H5'"  . G B 1 1  ? 4.953   14.708  0.320   1.00 1.82 ? 11 G 2 "H5'"  1 
ATOM 342 H "H5''" . G B 1 1  ? 5.570   13.157  -0.284  1.00 1.73 ? 11 G 2 "H5''" 1 
ATOM 343 H "H4'"  . G B 1 1  ? 6.390   13.583  1.980   1.00 1.65 ? 11 G 2 "H4'"  1 
ATOM 344 H "H3'"  . G B 1 1  ? 4.397   11.294  1.670   1.00 1.32 ? 11 G 2 "H3'"  1 
ATOM 345 H "H2'"  . G B 1 1  ? 4.477   10.929  4.044   1.00 1.17 ? 11 G 2 "H2'"  1 
ATOM 346 H "HO2'" . G B 1 1  ? 6.406   12.804  4.653   1.00 1.69 ? 11 G 2 "HO2'" 1 
ATOM 347 H "H1'"  . G B 1 1  ? 4.518   13.581  4.842   1.00 1.44 ? 11 G 2 "H1'"  1 
ATOM 348 H H8     . G B 1 1  ? 2.151   13.269  1.904   1.00 1.39 ? 11 G 2 H8     1 
ATOM 349 H H1     . G B 1 1  ? -0.396  11.346  7.474   1.00 0.99 ? 11 G 2 H1     1 
ATOM 350 H H21    . G B 1 1  ? 1.187   11.214  9.026   1.00 1.15 ? 11 G 2 H21    1 
ATOM 351 H H22    . G B 1 1  ? 2.864   11.563  8.674   1.00 1.23 ? 11 G 2 H22    1 
ATOM 352 H "HO5'" . G B 1 1  ? 3.389   13.327  -0.745  1.00 1.72 ? 11 G 2 "HO5'" 1 
ATOM 353 P P      . G B 1 2  ? 6.572   9.569   1.745   1.00 1.40 ? 12 G 2 P      1 
ATOM 354 O OP1    . G B 1 2  ? 7.954   9.237   1.328   1.00 1.55 ? 12 G 2 OP1    1 
ATOM 355 O OP2    . G B 1 2  ? 5.427   9.126   0.920   1.00 1.39 ? 12 G 2 OP2    1 
ATOM 356 O "O5'"  . G B 1 2  ? 6.354   9.026   3.245   1.00 1.25 ? 12 G 2 "O5'"  1 
ATOM 357 C "C5'"  . G B 1 2  ? 7.260   9.394   4.289   1.00 1.30 ? 12 G 2 "C5'"  1 
ATOM 358 C "C4'"  . G B 1 2  ? 6.805   8.853   5.640   1.00 1.23 ? 12 G 2 "C4'"  1 
ATOM 359 O "O4'"  . G B 1 2  ? 5.723   9.653   6.127   1.00 1.15 ? 12 G 2 "O4'"  1 
ATOM 360 C "C3'"  . G B 1 2  ? 6.246   7.441   5.604   1.00 1.16 ? 12 G 2 "C3'"  1 
ATOM 361 O "O3'"  . G B 1 2  ? 7.321   6.555   5.926   1.00 1.26 ? 12 G 2 "O3'"  1 
ATOM 362 C "C2'"  . G B 1 2  ? 5.281   7.417   6.777   1.00 1.08 ? 12 G 2 "C2'"  1 
ATOM 363 O "O2'"  . G B 1 2  ? 5.982   7.172   8.000   1.00 1.17 ? 12 G 2 "O2'"  1 
ATOM 364 C "C1'"  . G B 1 2  ? 4.720   8.838   6.756   1.00 1.05 ? 12 G 2 "C1'"  1 
ATOM 365 N N9     . G B 1 2  ? 3.474   8.936   5.974   1.00 0.93 ? 12 G 2 N9     1 
ATOM 366 C C8     . G B 1 2  ? 3.322   9.188   4.635   1.00 0.93 ? 12 G 2 C8     1 
ATOM 367 N N7     . G B 1 2  ? 2.079   9.210   4.243   1.00 0.83 ? 12 G 2 N7     1 
ATOM 368 C C5     . G B 1 2  ? 1.355   8.957   5.403   1.00 0.76 ? 12 G 2 C5     1 
ATOM 369 C C6     . G B 1 2  ? -0.050  8.859   5.599   1.00 0.66 ? 12 G 2 C6     1 
ATOM 370 O O6     . G B 1 2  ? -0.945  8.981   4.766   1.00 0.59 ? 12 G 2 O6     1 
ATOM 371 N N1     . G B 1 2  ? -0.364  8.590   6.921   1.00 0.70 ? 12 G 2 N1     1 
ATOM 372 C C2     . G B 1 2  ? 0.554   8.434   7.935   1.00 0.82 ? 12 G 2 C2     1 
ATOM 373 N N2     . G B 1 2  ? 0.073   8.178   9.152   1.00 0.90 ? 12 G 2 N2     1 
ATOM 374 N N3     . G B 1 2  ? 1.876   8.523   7.763   1.00 0.87 ? 12 G 2 N3     1 
ATOM 375 C C4     . G B 1 2  ? 2.202   8.786   6.473   1.00 0.84 ? 12 G 2 C4     1 
ATOM 376 H "H5'"  . G B 1 2  ? 7.317   10.481  4.343   1.00 1.37 ? 12 G 2 "H5'"  1 
ATOM 377 H "H5''" . G B 1 2  ? 8.248   8.997   4.060   1.00 1.38 ? 12 G 2 "H5''" 1 
ATOM 378 H "H4'"  . G B 1 2  ? 7.636   8.918   6.343   1.00 1.30 ? 12 G 2 "H4'"  1 
ATOM 379 H "H3'"  . G B 1 2  ? 5.780   7.184   4.653   1.00 1.12 ? 12 G 2 "H3'"  1 
ATOM 380 H "H2'"  . G B 1 2  ? 4.492   6.682   6.620   1.00 1.01 ? 12 G 2 "H2'"  1 
ATOM 381 H "HO2'" . G B 1 2  ? 5.404   6.648   8.559   1.00 1.42 ? 12 G 2 "HO2'" 1 
ATOM 382 H "H1'"  . G B 1 2  ? 4.541   9.201   7.769   1.00 1.08 ? 12 G 2 "H1'"  1 
ATOM 383 H H8     . G B 1 2  ? 4.162   9.354   3.961   1.00 1.03 ? 12 G 2 H8     1 
ATOM 384 H H1     . G B 1 2  ? -1.343  8.504   7.152   1.00 0.68 ? 12 G 2 H1     1 
ATOM 385 H H21    . G B 1 2  ? -0.919  8.040   9.284   1.00 0.88 ? 12 G 2 H21    1 
ATOM 386 H H22    . G B 1 2  ? 0.700   8.124   9.941   1.00 1.02 ? 12 G 2 H22    1 
ATOM 387 P P      . A B 1 3  ? 7.248   5.000   5.517   1.00 1.27 ? 13 A 2 P      1 
ATOM 388 O OP1    . A B 1 3  ? 8.541   4.368   5.863   1.00 1.40 ? 13 A 2 OP1    1 
ATOM 389 O OP2    . A B 1 3  ? 6.728   4.908   4.134   1.00 1.24 ? 13 A 2 OP2    1 
ATOM 390 O "O5'"  . A B 1 3  ? 6.124   4.426   6.517   1.00 1.15 ? 13 A 2 "O5'"  1 
ATOM 391 C "C5'"  . A B 1 3  ? 6.421   4.218   7.901   1.00 1.15 ? 13 A 2 "C5'"  1 
ATOM 392 C "C4'"  . A B 1 3  ? 5.170   3.856   8.694   1.00 1.07 ? 13 A 2 "C4'"  1 
ATOM 393 O "O4'"  . A B 1 3  ? 4.243   4.944   8.633   1.00 0.99 ? 13 A 2 "O4'"  1 
ATOM 394 C "C3'"  . A B 1 3  ? 4.394   2.668   8.150   1.00 1.01 ? 13 A 2 "C3'"  1 
ATOM 395 O "O3'"  . A B 1 3  ? 4.841   1.512   8.864   1.00 1.08 ? 13 A 2 "O3'"  1 
ATOM 396 C "C2'"  . A B 1 3  ? 2.969   2.947   8.598   1.00 0.92 ? 13 A 2 "C2'"  1 
ATOM 397 O "O2'"  . A B 1 3  ? 2.777   2.528   9.951   1.00 0.95 ? 13 A 2 "O2'"  1 
ATOM 398 C "C1'"  . A B 1 3  ? 2.894   4.469   8.492   1.00 0.89 ? 13 A 2 "C1'"  1 
ATOM 399 N N9     . A B 1 3  ? 2.373   4.914   7.186   1.00 0.82 ? 13 A 2 N9     1 
ATOM 400 C C8     . A B 1 3  ? 3.067   5.198   6.037   1.00 0.85 ? 13 A 2 C8     1 
ATOM 401 N N7     . A B 1 3  ? 2.305   5.569   5.045   1.00 0.78 ? 13 A 2 N7     1 
ATOM 402 C C5     . A B 1 3  ? 1.022   5.529   5.577   1.00 0.68 ? 13 A 2 C5     1 
ATOM 403 C C6     . A B 1 3  ? -0.242  5.812   5.036   1.00 0.58 ? 13 A 2 C6     1 
ATOM 404 N N6     . A B 1 3  ? -0.432  6.211   3.777   1.00 0.55 ? 13 A 2 N6     1 
ATOM 405 N N1     . A B 1 3  ? -1.312  5.669   5.835   1.00 0.53 ? 13 A 2 N1     1 
ATOM 406 C C2     . A B 1 3  ? -1.131  5.271   7.088   1.00 0.58 ? 13 A 2 C2     1 
ATOM 407 N N3     . A B 1 3  ? -0.002  4.975   7.715   1.00 0.67 ? 13 A 2 N3     1 
ATOM 408 C C4     . A B 1 3  ? 1.051   5.130   6.883   1.00 0.71 ? 13 A 2 C4     1 
ATOM 409 H "H5'"  . A B 1 3  ? 6.852   5.130   8.313   1.00 1.18 ? 13 A 2 "H5'"  1 
ATOM 410 H "H5''" . A B 1 3  ? 7.147   3.410   7.991   1.00 1.20 ? 13 A 2 "H5''" 1 
ATOM 411 H "H4'"  . A B 1 3  ? 5.449   3.686   9.734   1.00 1.11 ? 13 A 2 "H4'"  1 
ATOM 412 H "H3'"  . A B 1 3  ? 4.494   2.544   7.072   1.00 1.00 ? 13 A 2 "H3'"  1 
ATOM 413 H "H2'"  . A B 1 3  ? 2.250   2.472   7.931   1.00 0.86 ? 13 A 2 "H2'"  1 
ATOM 414 H "HO2'" . A B 1 3  ? 3.379   3.039   10.498  1.00 1.38 ? 13 A 2 "HO2'" 1 
ATOM 415 H "H1'"  . A B 1 3  ? 2.279   4.886   9.289   1.00 0.88 ? 13 A 2 "H1'"  1 
ATOM 416 H H8     . A B 1 3  ? 4.151   5.119   5.961   1.00 0.95 ? 13 A 2 H8     1 
ATOM 417 H H61    . A B 1 3  ? -1.359  6.458   3.461   1.00 0.49 ? 13 A 2 H61    1 
ATOM 418 H H62    . A B 1 3  ? 0.350   6.266   3.141   1.00 0.62 ? 13 A 2 H62    1 
ATOM 419 H H2     . A B 1 3  ? -2.038  5.176   7.685   1.00 0.58 ? 13 A 2 H2     1 
ATOM 420 P P      . C B 1 4  ? 4.378   0.039   8.405   1.00 1.08 ? 14 C 2 P      1 
ATOM 421 O OP1    . C B 1 4  ? 4.950   -0.943  9.352   1.00 1.15 ? 14 C 2 OP1    1 
ATOM 422 O OP2    . C B 1 4  ? 4.637   -0.097  6.954   1.00 1.09 ? 14 C 2 OP2    1 
ATOM 423 O "O5'"  . C B 1 4  ? 2.784   0.087   8.629   1.00 0.99 ? 14 C 2 "O5'"  1 
ATOM 424 C "C5'"  . C B 1 4  ? 2.221   -0.221  9.908   1.00 0.97 ? 14 C 2 "C5'"  1 
ATOM 425 C "C4'"  . C B 1 4  ? 0.772   0.241   10.009  1.00 0.88 ? 14 C 2 "C4'"  1 
ATOM 426 O "O4'"  . C B 1 4  ? 0.663   1.564   9.472   1.00 0.85 ? 14 C 2 "O4'"  1 
ATOM 427 C "C3'"  . C B 1 4  ? -0.215  -0.579  9.196   1.00 0.82 ? 14 C 2 "C3'"  1 
ATOM 428 O "O3'"  . C B 1 4  ? -0.763  -1.566  10.074  1.00 0.83 ? 14 C 2 "O3'"  1 
ATOM 429 C "C2'"  . C B 1 4  ? -1.325  0.413   8.891   1.00 0.74 ? 14 C 2 "C2'"  1 
ATOM 430 O "O2'"  . C B 1 4  ? -2.227  0.514   9.995   1.00 0.74 ? 14 C 2 "O2'"  1 
ATOM 431 C "C1'"  . C B 1 4  ? -0.547  1.715   8.712   1.00 0.75 ? 14 C 2 "C1'"  1 
ATOM 432 N N1     . C B 1 4  ? -0.190  1.965   7.303   1.00 0.72 ? 14 C 2 N1     1 
ATOM 433 C C2     . C B 1 4  ? -1.160  2.523   6.485   1.00 0.62 ? 14 C 2 C2     1 
ATOM 434 O O2     . C B 1 4  ? -2.270  2.791   6.938   1.00 0.56 ? 14 C 2 O2     1 
ATOM 435 N N3     . C B 1 4  ? -0.855  2.763   5.180   1.00 0.60 ? 14 C 2 N3     1 
ATOM 436 C C4     . C B 1 4  ? 0.360   2.466   4.696   1.00 0.68 ? 14 C 2 C4     1 
ATOM 437 N N4     . C B 1 4  ? 0.599   2.724   3.411   1.00 0.67 ? 14 C 2 N4     1 
ATOM 438 C C5     . C B 1 4  ? 1.365   1.891   5.536   1.00 0.79 ? 14 C 2 C5     1 
ATOM 439 C C6     . C B 1 4  ? 1.050   1.658   6.824   1.00 0.80 ? 14 C 2 C6     1 
ATOM 440 H "H5'"  . C B 1 4  ? 2.808   0.272   10.682  1.00 0.99 ? 14 C 2 "H5'"  1 
ATOM 441 H "H5''" . C B 1 4  ? 2.263   -1.299  10.063  1.00 1.01 ? 14 C 2 "H5''" 1 
ATOM 442 H "H4'"  . C B 1 4  ? 0.481   0.261   11.059  1.00 0.90 ? 14 C 2 "H4'"  1 
ATOM 443 H "H3'"  . C B 1 4  ? 0.224   -1.026  8.305   1.00 0.83 ? 14 C 2 "H3'"  1 
ATOM 444 H "H2'"  . C B 1 4  ? -1.851  0.142   7.975   1.00 0.70 ? 14 C 2 "H2'"  1 
ATOM 445 H "HO2'" . C B 1 4  ? -2.889  -0.173  9.887   1.00 1.22 ? 14 C 2 "HO2'" 1 
ATOM 446 H "H1'"  . C B 1 4  ? -1.113  2.565   9.097   1.00 0.73 ? 14 C 2 "H1'"  1 
ATOM 447 H H41    . C B 1 4  ? -0.121  3.137   2.836   1.00 0.61 ? 14 C 2 H41    1 
ATOM 448 H H42    . C B 1 4  ? 1.501   2.506   3.011   1.00 0.74 ? 14 C 2 H42    1 
ATOM 449 H H5     . C B 1 4  ? 2.355   1.645   5.155   1.00 0.86 ? 14 C 2 H5     1 
ATOM 450 H H6     . C B 1 4  ? 1.792   1.220   7.491   1.00 0.89 ? 14 C 2 H6     1 
ATOM 451 P P      . U B 1 5  ? -0.485  -3.131  9.819   1.00 0.86 ? 15 U 2 P      1 
ATOM 452 O OP1    . U B 1 5  ? -0.563  -3.834  11.119  1.00 0.92 ? 15 U 2 OP1    1 
ATOM 453 O OP2    . U B 1 5  ? 0.732   -3.255  8.984   1.00 0.91 ? 15 U 2 OP2    1 
ATOM 454 O "O5'"  . U B 1 5  ? -1.753  -3.573  8.930   1.00 0.78 ? 15 U 2 "O5'"  1 
ATOM 455 C "C5'"  . U B 1 5  ? -3.080  -3.463  9.453   1.00 0.72 ? 15 U 2 "C5'"  1 
ATOM 456 C "C4'"  . U B 1 5  ? -4.129  -3.678  8.367   1.00 0.66 ? 15 U 2 "C4'"  1 
ATOM 457 O "O4'"  . U B 1 5  ? -4.305  -2.458  7.637   1.00 0.62 ? 15 U 2 "O4'"  1 
ATOM 458 C "C3'"  . U B 1 5  ? -3.750  -4.699  7.310   1.00 0.68 ? 15 U 2 "C3'"  1 
ATOM 459 O "O3'"  . U B 1 5  ? -4.317  -5.950  7.712   1.00 0.70 ? 15 U 2 "O3'"  1 
ATOM 460 C "C2'"  . U B 1 5  ? -4.517  -4.235  6.083   1.00 0.63 ? 15 U 2 "C2'"  1 
ATOM 461 O "O2'"  . U B 1 5  ? -5.869  -4.697  6.131   1.00 0.61 ? 15 U 2 "O2'"  1 
ATOM 462 C "C1'"  . U B 1 5  ? -4.464  -2.715  6.233   1.00 0.59 ? 15 U 2 "C1'"  1 
ATOM 463 N N1     . U B 1 5  ? -3.322  -2.121  5.513   1.00 0.61 ? 15 U 2 N1     1 
ATOM 464 C C2     . U B 1 5  ? -3.565  -1.587  4.262   1.00 0.58 ? 15 U 2 C2     1 
ATOM 465 O O2     . U B 1 5  ? -4.681  -1.594  3.747   1.00 0.55 ? 15 U 2 O2     1 
ATOM 466 N N3     . U B 1 5  ? -2.474  -1.039  3.616   1.00 0.60 ? 15 U 2 N3     1 
ATOM 467 C C4     . U B 1 5  ? -1.183  -0.981  4.105   1.00 0.65 ? 15 U 2 C4     1 
ATOM 468 O O4     . U B 1 5  ? -0.292  -0.467  3.433   1.00 0.68 ? 15 U 2 O4     1 
ATOM 469 C C5     . U B 1 5  ? -1.009  -1.561  5.419   1.00 0.69 ? 15 U 2 C5     1 
ATOM 470 C C6     . U B 1 5  ? -2.070  -2.103  6.068   1.00 0.67 ? 15 U 2 C6     1 
ATOM 471 H "H5'"  . U B 1 5  ? -3.210  -2.471  9.885   1.00 0.72 ? 15 U 2 "H5'"  1 
ATOM 472 H "H5''" . U B 1 5  ? -3.217  -4.212  10.233  1.00 0.75 ? 15 U 2 "H5''" 1 
ATOM 473 H "H4'"  . U B 1 5  ? -5.074  -3.947  8.839   1.00 0.64 ? 15 U 2 "H4'"  1 
ATOM 474 H "H3'"  . U B 1 5  ? -2.675  -4.776  7.146   1.00 0.73 ? 15 U 2 "H3'"  1 
ATOM 475 H "H2'"  . U B 1 5  ? -4.023  -4.556  5.167   1.00 0.65 ? 15 U 2 "H2'"  1 
ATOM 476 H "HO2'" . U B 1 5  ? -5.906  -5.525  5.647   1.00 1.14 ? 15 U 2 "HO2'" 1 
ATOM 477 H "H1'"  . U B 1 5  ? -5.389  -2.256  5.884   1.00 0.55 ? 15 U 2 "H1'"  1 
ATOM 478 H H3     . U B 1 5  ? -2.635  -0.644  2.701   1.00 0.59 ? 15 U 2 H3     1 
ATOM 479 H H5     . U B 1 5  ? -0.025  -1.562  5.887   1.00 0.75 ? 15 U 2 H5     1 
ATOM 480 H H6     . U B 1 5  ? -1.921  -2.536  7.057   1.00 0.71 ? 15 U 2 H6     1 
ATOM 481 P P      . A B 1 6  ? -4.009  -7.292  6.879   1.00 0.71 ? 16 A 2 P      1 
ATOM 482 O OP1    . A B 1 6  ? -4.545  -8.443  7.639   1.00 0.74 ? 16 A 2 OP1    1 
ATOM 483 O OP2    . A B 1 6  ? -2.583  -7.272  6.479   1.00 0.74 ? 16 A 2 OP2    1 
ATOM 484 O "O5'"  . A B 1 6  ? -4.905  -7.100  5.556   1.00 0.66 ? 16 A 2 "O5'"  1 
ATOM 485 C "C5'"  . A B 1 6  ? -4.302  -7.120  4.260   1.00 0.65 ? 16 A 2 "C5'"  1 
ATOM 486 C "C4'"  . A B 1 6  ? -5.221  -6.517  3.203   1.00 0.62 ? 16 A 2 "C4'"  1 
ATOM 487 O "O4'"  . A B 1 6  ? -5.081  -5.092  3.218   1.00 0.63 ? 16 A 2 "O4'"  1 
ATOM 488 C "C3'"  . A B 1 6  ? -4.893  -6.914  1.775   1.00 0.62 ? 16 A 2 "C3'"  1 
ATOM 489 O "O3'"  . A B 1 6  ? -5.720  -8.035  1.449   1.00 0.63 ? 16 A 2 "O3'"  1 
ATOM 490 C "C2'"  . A B 1 6  ? -5.397  -5.734  0.959   1.00 0.62 ? 16 A 2 "C2'"  1 
ATOM 491 O "O2'"  . A B 1 6  ? -6.805  -5.848  0.731   1.00 0.63 ? 16 A 2 "O2'"  1 
ATOM 492 C "C1'"  . A B 1 6  ? -5.097  -4.557  1.884   1.00 0.62 ? 16 A 2 "C1'"  1 
ATOM 493 N N9     . A B 1 6  ? -3.783  -3.947  1.605   1.00 0.63 ? 16 A 2 N9     1 
ATOM 494 C C8     . A B 1 6  ? -2.642  -3.984  2.366   1.00 0.64 ? 16 A 2 C8     1 
ATOM 495 N N7     . A B 1 6  ? -1.639  -3.340  1.837   1.00 0.66 ? 16 A 2 N7     1 
ATOM 496 C C5     . A B 1 6  ? -2.155  -2.844  0.645   1.00 0.65 ? 16 A 2 C5     1 
ATOM 497 C C6     . A B 1 6  ? -1.596  -2.070  -0.384  1.00 0.67 ? 16 A 2 C6     1 
ATOM 498 N N6     . A B 1 6  ? -0.335  -1.639  -0.381  1.00 0.70 ? 16 A 2 N6     1 
ATOM 499 N N1     . A B 1 6  ? -2.381  -1.752  -1.425  1.00 0.67 ? 16 A 2 N1     1 
ATOM 500 C C2     . A B 1 6  ? -3.639  -2.178  -1.438  1.00 0.66 ? 16 A 2 C2     1 
ATOM 501 N N3     . A B 1 6  ? -4.281  -2.908  -0.538  1.00 0.64 ? 16 A 2 N3     1 
ATOM 502 C C4     . A B 1 6  ? -3.462  -3.208  0.493   1.00 0.63 ? 16 A 2 C4     1 
ATOM 503 H "H5'"  . A B 1 6  ? -4.077  -8.153  3.988   1.00 0.65 ? 16 A 2 "H5'"  1 
ATOM 504 H "H5''" . A B 1 6  ? -3.373  -6.551  4.291   1.00 0.66 ? 16 A 2 "H5''" 1 
ATOM 505 H "H4'"  . A B 1 6  ? -6.252  -6.773  3.444   1.00 0.62 ? 16 A 2 "H4'"  1 
ATOM 506 H "H3'"  . A B 1 6  ? -3.837  -7.129  1.615   1.00 0.63 ? 16 A 2 "H3'"  1 
ATOM 507 H "H2'"  . A B 1 6  ? -4.850  -5.645  0.020   1.00 0.62 ? 16 A 2 "H2'"  1 
ATOM 508 H "HO2'" . A B 1 6  ? -7.139  -4.963  0.566   1.00 1.08 ? 16 A 2 "HO2'" 1 
ATOM 509 H "H1'"  . A B 1 6  ? -5.872  -3.794  1.810   1.00 0.63 ? 16 A 2 "H1'"  1 
ATOM 510 H H8     . A B 1 6  ? -2.579  -4.503  3.323   1.00 0.65 ? 16 A 2 H8     1 
ATOM 511 H H61    . A B 1 6  ? 0.020   -1.106  -1.162  1.00 0.72 ? 16 A 2 H61    1 
ATOM 512 H H62    . A B 1 6  ? 0.267   -1.845  0.404   1.00 0.71 ? 16 A 2 H62    1 
ATOM 513 H H2     . A B 1 6  ? -4.224  -1.887  -2.310  1.00 0.67 ? 16 A 2 H2     1 
ATOM 514 P P      . G B 1 7  ? -5.245  -9.107  0.346   1.00 0.65 ? 17 G 2 P      1 
ATOM 515 O OP1    . G B 1 7  ? -6.205  -10.234 0.352   1.00 0.71 ? 17 G 2 OP1    1 
ATOM 516 O OP2    . G B 1 7  ? -3.801  -9.366  0.542   1.00 0.64 ? 17 G 2 OP2    1 
ATOM 517 O "O5'"  . G B 1 7  ? -5.429  -8.298  -1.033  1.00 0.62 ? 17 G 2 "O5'"  1 
ATOM 518 C "C5'"  . G B 1 7  ? -6.671  -7.659  -1.340  1.00 0.66 ? 17 G 2 "C5'"  1 
ATOM 519 C "C4'"  . G B 1 7  ? -6.582  -6.850  -2.630  1.00 0.69 ? 17 G 2 "C4'"  1 
ATOM 520 O "O4'"  . G B 1 7  ? -5.964  -5.588  -2.353  1.00 0.76 ? 17 G 2 "O4'"  1 
ATOM 521 C "C3'"  . G B 1 7  ? -5.709  -7.470  -3.709  1.00 0.58 ? 17 G 2 "C3'"  1 
ATOM 522 O "O3'"  . G B 1 7  ? -6.572  -8.219  -4.569  1.00 0.63 ? 17 G 2 "O3'"  1 
ATOM 523 C "C2'"  . G B 1 7  ? -5.225  -6.266  -4.500  1.00 0.64 ? 17 G 2 "C2'"  1 
ATOM 524 O "O2'"  . G B 1 7  ? -6.213  -5.859  -5.451  1.00 0.77 ? 17 G 2 "O2'"  1 
ATOM 525 C "C1'"  . G B 1 7  ? -5.065  -5.210  -3.408  1.00 0.71 ? 17 G 2 "C1'"  1 
ATOM 526 N N9     . G B 1 7  ? -3.694  -5.170  -2.865  1.00 0.65 ? 17 G 2 N9     1 
ATOM 527 C C8     . G B 1 7  ? -3.198  -5.789  -1.746  1.00 0.64 ? 17 G 2 C8     1 
ATOM 528 N N7     . G B 1 7  ? -1.933  -5.554  -1.534  1.00 0.63 ? 17 G 2 N7     1 
ATOM 529 C C5     . G B 1 7  ? -1.565  -4.721  -2.585  1.00 0.62 ? 17 G 2 C5     1 
ATOM 530 C C6     . G B 1 7  ? -0.304  -4.136  -2.885  1.00 0.65 ? 17 G 2 C6     1 
ATOM 531 O O6     . G B 1 7  ? 0.752   -4.243  -2.266  1.00 0.70 ? 17 G 2 O6     1 
ATOM 532 N N1     . G B 1 7  ? -0.360  -3.364  -4.035  1.00 0.65 ? 17 G 2 N1     1 
ATOM 533 C C2     . G B 1 7  ? -1.486  -3.174  -4.805  1.00 0.63 ? 17 G 2 C2     1 
ATOM 534 N N2     . G B 1 7  ? -1.358  -2.397  -5.880  1.00 0.64 ? 17 G 2 N2     1 
ATOM 535 N N3     . G B 1 7  ? -2.674  -3.720  -4.532  1.00 0.63 ? 17 G 2 N3     1 
ATOM 536 C C4     . G B 1 7  ? -2.638  -4.479  -3.408  1.00 0.62 ? 17 G 2 C4     1 
ATOM 537 H "H5'"  . G B 1 7  ? -6.940  -6.993  -0.521  1.00 0.71 ? 17 G 2 "H5'"  1 
ATOM 538 H "H5''" . G B 1 7  ? -7.445  -8.419  -1.450  1.00 0.66 ? 17 G 2 "H5''" 1 
ATOM 539 H "H4'"  . G B 1 7  ? -7.590  -6.676  -3.008  1.00 0.79 ? 17 G 2 "H4'"  1 
ATOM 540 H "H3'"  . G B 1 7  ? -4.899  -8.082  -3.313  1.00 0.49 ? 17 G 2 "H3'"  1 
ATOM 541 H "H2'"  . G B 1 7  ? -4.272  -6.474  -4.987  1.00 0.56 ? 17 G 2 "H2'"  1 
ATOM 542 H "HO2'" . G B 1 7  ? -6.906  -5.405  -4.965  1.00 1.10 ? 17 G 2 "HO2'" 1 
ATOM 543 H "H1'"  . G B 1 7  ? -5.337  -4.221  -3.777  1.00 0.82 ? 17 G 2 "H1'"  1 
ATOM 544 H H8     . G B 1 7  ? -3.805  -6.418  -1.095  1.00 0.67 ? 17 G 2 H8     1 
ATOM 545 H H1     . G B 1 7  ? 0.494   -2.908  -4.323  1.00 0.68 ? 17 G 2 H1     1 
ATOM 546 H H21    . G B 1 7  ? -0.454  -2.017  -6.124  1.00 0.66 ? 17 G 2 H21    1 
ATOM 547 H H22    . G B 1 7  ? -2.165  -2.189  -6.451  1.00 0.67 ? 17 G 2 H22    1 
ATOM 548 P P      . U B 1 8  ? -5.977  -9.380  -5.512  1.00 0.57 ? 18 U 2 P      1 
ATOM 549 O OP1    . U B 1 8  ? -7.107  -10.047 -6.196  1.00 0.70 ? 18 U 2 OP1    1 
ATOM 550 O OP2    . U B 1 8  ? -5.021  -10.181 -4.714  1.00 0.48 ? 18 U 2 OP2    1 
ATOM 551 O "O5'"  . U B 1 8  ? -5.143  -8.549  -6.610  1.00 0.54 ? 18 U 2 "O5'"  1 
ATOM 552 C "C5'"  . U B 1 8  ? -5.783  -7.541  -7.398  1.00 0.69 ? 18 U 2 "C5'"  1 
ATOM 553 C "C4'"  . U B 1 8  ? -4.787  -6.814  -8.296  1.00 0.67 ? 18 U 2 "C4'"  1 
ATOM 554 O "O4'"  . U B 1 8  ? -4.067  -5.852  -7.517  1.00 0.60 ? 18 U 2 "O4'"  1 
ATOM 555 C "C3'"  . U B 1 8  ? -3.708  -7.700  -8.894  1.00 0.60 ? 18 U 2 "C3'"  1 
ATOM 556 O "O3'"  . U B 1 8  ? -4.160  -8.096  -10.192 1.00 0.77 ? 18 U 2 "O3'"  1 
ATOM 557 C "C2'"  . U B 1 8  ? -2.545  -6.744  -9.099  1.00 0.54 ? 18 U 2 "C2'"  1 
ATOM 558 O "O2'"  . U B 1 8  ? -2.704  -6.013  -10.318 1.00 0.67 ? 18 U 2 "O2'"  1 
ATOM 559 C "C1'"  . U B 1 8  ? -2.681  -5.814  -7.895  1.00 0.50 ? 18 U 2 "C1'"  1 
ATOM 560 N N1     . U B 1 8  ? -1.868  -6.262  -6.748  1.00 0.37 ? 18 U 2 N1     1 
ATOM 561 C C2     . U B 1 8  ? -0.638  -5.658  -6.565  1.00 0.35 ? 18 U 2 C2     1 
ATOM 562 O O2     . U B 1 8  ? -0.215  -4.781  -7.315  1.00 0.40 ? 18 U 2 O2     1 
ATOM 563 N N3     . U B 1 8  ? 0.097   -6.101  -5.482  1.00 0.38 ? 18 U 2 N3     1 
ATOM 564 C C4     . U B 1 8  ? -0.287  -7.076  -4.581  1.00 0.36 ? 18 U 2 C4     1 
ATOM 565 O O4     . U B 1 8  ? 0.458   -7.384  -3.654  1.00 0.47 ? 18 U 2 O4     1 
ATOM 566 C C5     . U B 1 8  ? -1.584  -7.658  -4.840  1.00 0.30 ? 18 U 2 C5     1 
ATOM 567 C C6     . U B 1 8  ? -2.321  -7.237  -5.898  1.00 0.36 ? 18 U 2 C6     1 
ATOM 568 H "H5'"  . U B 1 8  ? -6.256  -6.818  -6.733  1.00 0.76 ? 18 U 2 "H5'"  1 
ATOM 569 H "H5''" . U B 1 8  ? -6.548  -8.007  -8.018  1.00 0.81 ? 18 U 2 "H5''" 1 
ATOM 570 H "H4'"  . U B 1 8  ? -5.335  -6.295  -9.082  1.00 0.80 ? 18 U 2 "H4'"  1 
ATOM 571 H "H3'"  . U B 1 8  ? -3.458  -8.559  -8.272  1.00 0.54 ? 18 U 2 "H3'"  1 
ATOM 572 H "H2'"  . U B 1 8  ? -1.593  -7.275  -9.078  1.00 0.47 ? 18 U 2 "H2'"  1 
ATOM 573 H "HO2'" . U B 1 8  ? -3.634  -6.048  -10.553 1.00 1.26 ? 18 U 2 "HO2'" 1 
ATOM 574 H "H1'"  . U B 1 8  ? -2.406  -4.793  -8.157  1.00 0.57 ? 18 U 2 "H1'"  1 
ATOM 575 H H3     . U B 1 8  ? 0.998   -5.671  -5.335  1.00 0.48 ? 18 U 2 H3     1 
ATOM 576 H H5     . U B 1 8  ? -1.972  -8.436  -4.183  1.00 0.32 ? 18 U 2 H5     1 
ATOM 577 H H6     . U B 1 8  ? -3.297  -7.686  -6.079  1.00 0.46 ? 18 U 2 H6     1 
ATOM 578 P P      . C B 1 9  ? -3.626  -9.458  -10.863 1.00 0.85 ? 19 C 2 P      1 
ATOM 579 O OP1    . C B 1 9  ? -4.483  -9.767  -12.030 1.00 1.05 ? 19 C 2 OP1    1 
ATOM 580 O OP2    . C B 1 9  ? -3.448  -10.464 -9.791  1.00 0.79 ? 19 C 2 OP2    1 
ATOM 581 O "O5'"  . C B 1 9  ? -2.170  -9.036  -11.404 1.00 0.81 ? 19 C 2 "O5'"  1 
ATOM 582 C "C5'"  . C B 1 9  ? -2.029  -7.977  -12.355 1.00 0.89 ? 19 C 2 "C5'"  1 
ATOM 583 C "C4'"  . C B 1 9  ? -0.563  -7.632  -12.597 1.00 0.83 ? 19 C 2 "C4'"  1 
ATOM 584 O "O4'"  . C B 1 9  ? -0.079  -6.846  -11.502 1.00 0.65 ? 19 C 2 "O4'"  1 
ATOM 585 C "C3'"  . C B 1 9  ? 0.373   -8.829  -12.643 1.00 0.89 ? 19 C 2 "C3'"  1 
ATOM 586 O "O3'"  . C B 1 9  ? 0.523   -9.191  -14.019 1.00 1.08 ? 19 C 2 "O3'"  1 
ATOM 587 C "C2'"  . C B 1 9  ? 1.701   -8.252  -12.185 1.00 0.79 ? 19 C 2 "C2'"  1 
ATOM 588 O "O2'"  . C B 1 9  ? 2.373   -7.610  -13.273 1.00 0.88 ? 19 C 2 "O2'"  1 
ATOM 589 C "C1'"  . C B 1 9  ? 1.260   -7.224  -11.145 1.00 0.60 ? 19 C 2 "C1'"  1 
ATOM 590 N N1     . C B 1 9  ? 1.244   -7.781  -9.779  1.00 0.48 ? 19 C 2 N1     1 
ATOM 591 C C2     . C B 1 9  ? 2.287   -7.438  -8.934  1.00 0.45 ? 19 C 2 C2     1 
ATOM 592 O O2     . C B 1 9  ? 3.182   -6.695  -9.329  1.00 0.52 ? 19 C 2 O2     1 
ATOM 593 N N3     . C B 1 9  ? 2.294   -7.938  -7.668  1.00 0.43 ? 19 C 2 N3     1 
ATOM 594 C C4     . C B 1 9  ? 1.312   -8.747  -7.249  1.00 0.40 ? 19 C 2 C4     1 
ATOM 595 N N4     . C B 1 9  ? 1.374   -9.206  -5.998  1.00 0.46 ? 19 C 2 N4     1 
ATOM 596 C C5     . C B 1 9  ? 0.232   -9.105  -8.116  1.00 0.41 ? 19 C 2 C5     1 
ATOM 597 C C6     . C B 1 9  ? 0.237   -8.602  -9.365  1.00 0.47 ? 19 C 2 C6     1 
ATOM 598 H "H5'"  . C B 1 9  ? -2.545  -7.093  -11.984 1.00 0.89 ? 19 C 2 "H5'"  1 
ATOM 599 H "H5''" . C B 1 9  ? -2.481  -8.284  -13.299 1.00 1.07 ? 19 C 2 "H5''" 1 
ATOM 600 H "H4'"  . C B 1 9  ? -0.483  -7.050  -13.514 1.00 0.92 ? 19 C 2 "H4'"  1 
ATOM 601 H "H3'"  . C B 1 9  ? 0.033   -9.669  -12.037 1.00 0.89 ? 19 C 2 "H3'"  1 
ATOM 602 H "H2'"  . C B 1 9  ? 2.327   -9.022  -11.733 1.00 0.82 ? 19 C 2 "H2'"  1 
ATOM 603 H "HO2'" . C B 1 9  ? 1.716   -7.435  -13.950 1.00 1.17 ? 19 C 2 "HO2'" 1 
ATOM 604 H "H1'"  . C B 1 9  ? 1.903   -6.344  -11.169 1.00 0.59 ? 19 C 2 "H1'"  1 
ATOM 605 H H41    . C B 1 9  ? 2.143   -8.943  -5.401  1.00 0.54 ? 19 C 2 H41    1 
ATOM 606 H H42    . C B 1 9  ? 0.650   -9.818  -5.649  1.00 0.49 ? 19 C 2 H42    1 
ATOM 607 H H5     . C B 1 9  ? -0.573  -9.762  -7.786  1.00 0.45 ? 19 C 2 H5     1 
ATOM 608 H H6     . C B 1 9  ? -0.571  -8.856  -10.052 1.00 0.57 ? 19 C 2 H6     1 
ATOM 609 P P      . C B 1 10 ? 1.015   -10.669 -14.425 1.00 1.26 ? 20 C 2 P      1 
ATOM 610 O OP1    . C B 1 10 ? 0.911   -10.804 -15.895 1.00 1.47 ? 20 C 2 OP1    1 
ATOM 611 O OP2    . C B 1 10 ? 0.333   -11.643 -13.544 1.00 1.22 ? 20 C 2 OP2    1 
ATOM 612 O "O5'"  . C B 1 10 ? 2.576   -10.641 -14.031 1.00 1.27 ? 20 C 2 "O5'"  1 
ATOM 613 C "C5'"  . C B 1 10 ? 3.487   -9.794  -14.735 1.00 1.35 ? 20 C 2 "C5'"  1 
ATOM 614 C "C4'"  . C B 1 10 ? 4.879   -9.826  -14.112 1.00 1.40 ? 20 C 2 "C4'"  1 
ATOM 615 O "O4'"  . C B 1 10 ? 4.853   -9.115  -12.871 1.00 1.21 ? 20 C 2 "O4'"  1 
ATOM 616 C "C3'"  . C B 1 10 ? 5.380   -11.215 -13.744 1.00 1.53 ? 20 C 2 "C3'"  1 
ATOM 617 O "O3'"  . C B 1 10 ? 6.031   -11.828 -14.860 1.00 1.76 ? 20 C 2 "O3'"  1 
ATOM 618 C "C2'"  . C B 1 10 ? 6.384   -10.898 -12.645 1.00 1.51 ? 20 C 2 "C2'"  1 
ATOM 619 O "O2'"  . C B 1 10 ? 7.620   -10.452 -13.209 1.00 1.67 ? 20 C 2 "O2'"  1 
ATOM 620 C "C1'"  . C B 1 10 ? 5.692   -9.758  -11.902 1.00 1.27 ? 20 C 2 "C1'"  1 
ATOM 621 N N1     . C B 1 10 ? 4.847   -10.241 -10.793 1.00 1.13 ? 20 C 2 N1     1 
ATOM 622 C C2     . C B 1 10 ? 5.357   -10.141 -9.508  1.00 1.13 ? 20 C 2 C2     1 
ATOM 623 O O2     . C B 1 10 ? 6.474   -9.663  -9.323  1.00 1.25 ? 20 C 2 O2     1 
ATOM 624 N N3     . C B 1 10 ? 4.596   -10.580 -8.468  1.00 1.03 ? 20 C 2 N3     1 
ATOM 625 C C4     . C B 1 10 ? 3.380   -11.100 -8.683  1.00 0.94 ? 20 C 2 C4     1 
ATOM 626 N N4     . C B 1 10 ? 2.683   -11.514 -7.624  1.00 0.90 ? 20 C 2 N4     1 
ATOM 627 C C5     . C B 1 10 ? 2.849   -11.207 -10.006 1.00 0.96 ? 20 C 2 C5     1 
ATOM 628 C C6     . C B 1 10 ? 3.611   -10.769 -11.026 1.00 1.05 ? 20 C 2 C6     1 
ATOM 629 H "H5'"  . C B 1 10 ? 3.111   -8.771  -14.714 1.00 1.28 ? 20 C 2 "H5'"  1 
ATOM 630 H "H5''" . C B 1 10 ? 3.554   -10.127 -15.772 1.00 1.50 ? 20 C 2 "H5''" 1 
ATOM 631 H "H4'"  . C B 1 10 ? 5.579   -9.334  -14.788 1.00 1.50 ? 20 C 2 "H4'"  1 
ATOM 632 H "H3'"  . C B 1 10 ? 4.568   -11.838 -13.367 1.00 1.48 ? 20 C 2 "H3'"  1 
ATOM 633 H "HO3'" . C B 1 10 ? 5.685   -12.721 -14.937 1.00 1.92 ? 20 C 2 "HO3'" 1 
ATOM 634 H "H2'"  . C B 1 10 ? 6.533   -11.757 -11.992 1.00 1.55 ? 20 C 2 "H2'"  1 
ATOM 635 H "HO2'" . C B 1 10 ? 8.088   -11.230 -13.521 1.00 2.05 ? 20 C 2 "HO2'" 1 
ATOM 636 H "H1'"  . C B 1 10 ? 6.419   -9.042  -11.519 1.00 1.28 ? 20 C 2 "H1'"  1 
ATOM 637 H H41    . C B 1 10 ? 3.073   -11.424 -6.696  1.00 0.93 ? 20 C 2 H41    1 
ATOM 638 H H42    . C B 1 10 ? 1.765   -11.917 -7.750  1.00 0.89 ? 20 C 2 H42    1 
ATOM 639 H H5     . C B 1 10 ? 1.861   -11.628 -10.193 1.00 0.94 ? 20 C 2 H5     1 
ATOM 640 H H6     . C B 1 10 ? 3.237   -10.836 -12.048 1.00 1.10 ? 20 C 2 H6     1 
# 
